data_5DCC
#
_entry.id   5DCC
#
_cell.length_a   60.934
_cell.length_b   94.400
_cell.length_c   75.385
_cell.angle_alpha   90.00
_cell.angle_beta   92.88
_cell.angle_gamma   90.00
#
_symmetry.space_group_name_H-M   'P 1 21 1'
#
loop_
_entity.id
_entity.type
_entity.pdbx_description
1 polymer 'L,D-transpeptidase 2'
2 non-polymer '(4S)-4-methyl-2,5,7-trioxoheptanoic acid'
3 non-polymer 'SULFATE ION'
4 non-polymer DI(HYDROXYETHYL)ETHER
5 non-polymer 'TRIETHYLENE GLYCOL'
6 non-polymer GLYCEROL
7 non-polymer 1,2-ETHANEDIOL
8 water water
#
_entity_poly.entity_id   1
_entity_poly.type   'polypeptide(L)'
_entity_poly.pdbx_seq_one_letter_code
;DLLVPKLTASVTDGAVGVTVDAPVSVTAADGVLAAVTMVNDNGRPVAGRLSPDGLRWSTTEQLGYNRRYTLNATALGLGG
AATRQLTFQTSSPAHLTMPYVMPGDGEVVGVGEPVAIRFDENIADRGAAEKAIKITTNPPVEGAFYWLNNREVRWRPEHF
WKPGTAVDVAVNTYGVDLGEGMFGEDNVQTHFTIGDEVIATADDNTKILTVRVNGEVVKSMPTSMGKDSTPTANGIYIVG
SRYKHIIMDSSTYGVPVNSPNGYRTDVDWATQISYSGVFVHSAPWSVGAQGHTNTSHGCLNVSPSNAQWFYDHVKRGDIV
EVVNTVGGTLPGIDGLGDWNIPWDQWRAGNAKA
;
_entity_poly.pdbx_strand_id   A,B
#
# COMPACT_ATOMS: atom_id res chain seq x y z
N ASP A 1 -71.06 -11.00 -11.13
CA ASP A 1 -70.31 -11.00 -12.39
C ASP A 1 -68.99 -11.74 -12.24
N LEU A 2 -68.96 -13.00 -12.69
CA LEU A 2 -67.77 -13.82 -12.56
C LEU A 2 -66.77 -13.56 -13.69
N LEU A 3 -65.51 -13.39 -13.31
CA LEU A 3 -64.47 -12.94 -14.22
C LEU A 3 -63.82 -14.07 -15.02
N VAL A 4 -63.50 -13.78 -16.28
CA VAL A 4 -62.77 -14.71 -17.13
C VAL A 4 -61.28 -14.62 -16.83
N PRO A 5 -60.63 -15.77 -16.60
CA PRO A 5 -59.19 -15.81 -16.34
C PRO A 5 -58.36 -15.08 -17.40
N LYS A 6 -57.30 -14.41 -16.95
CA LYS A 6 -56.41 -13.67 -17.85
C LYS A 6 -55.02 -14.28 -17.84
N LEU A 7 -54.40 -14.38 -19.02
CA LEU A 7 -53.09 -15.00 -19.15
C LEU A 7 -52.01 -13.99 -19.57
N THR A 8 -51.02 -13.80 -18.71
CA THR A 8 -49.93 -12.88 -18.98
C THR A 8 -48.58 -13.58 -19.02
N ALA A 9 -47.85 -13.40 -20.11
CA ALA A 9 -46.54 -14.01 -20.28
C ALA A 9 -45.44 -12.96 -20.23
N SER A 10 -44.23 -13.38 -19.91
CA SER A 10 -43.09 -12.48 -19.89
C SER A 10 -42.52 -12.31 -21.31
N VAL A 11 -43.18 -12.94 -22.28
CA VAL A 11 -42.94 -12.67 -23.70
C VAL A 11 -44.26 -12.31 -24.37
N THR A 12 -44.20 -11.92 -25.63
CA THR A 12 -45.43 -11.74 -26.41
C THR A 12 -45.39 -12.56 -27.68
N ASP A 13 -46.57 -12.94 -28.14
CA ASP A 13 -46.71 -13.61 -29.42
C ASP A 13 -46.12 -12.76 -30.54
N GLY A 14 -45.35 -13.39 -31.42
CA GLY A 14 -44.75 -12.69 -32.53
C GLY A 14 -43.43 -12.03 -32.18
N ALA A 15 -43.05 -12.09 -30.91
CA ALA A 15 -41.80 -11.48 -30.48
C ALA A 15 -40.59 -12.16 -31.12
N VAL A 16 -39.58 -11.36 -31.44
CA VAL A 16 -38.31 -11.89 -31.93
C VAL A 16 -37.16 -11.28 -31.13
N GLY A 17 -35.96 -11.83 -31.29
CA GLY A 17 -34.81 -11.37 -30.56
C GLY A 17 -34.95 -11.53 -29.06
N VAL A 18 -35.75 -12.49 -28.63
CA VAL A 18 -35.92 -12.73 -27.20
C VAL A 18 -34.61 -13.24 -26.61
N THR A 19 -34.13 -12.56 -25.59
CA THR A 19 -32.85 -12.90 -24.99
C THR A 19 -33.02 -14.05 -24.01
N VAL A 20 -32.10 -15.01 -24.08
CA VAL A 20 -32.22 -16.24 -23.31
C VAL A 20 -31.43 -16.16 -22.00
N ASP A 21 -31.18 -14.95 -21.54
CA ASP A 21 -30.51 -14.73 -20.26
C ASP A 21 -31.48 -14.87 -19.10
N ALA A 22 -32.76 -15.03 -19.41
CA ALA A 22 -33.80 -15.09 -18.38
C ALA A 22 -34.83 -16.17 -18.70
N PRO A 23 -35.47 -16.71 -17.65
CA PRO A 23 -36.52 -17.70 -17.85
C PRO A 23 -37.76 -17.06 -18.47
N VAL A 24 -38.63 -17.89 -19.06
CA VAL A 24 -39.90 -17.42 -19.57
C VAL A 24 -41.03 -17.85 -18.64
N SER A 25 -41.88 -16.91 -18.26
CA SER A 25 -42.94 -17.21 -17.29
C SER A 25 -44.34 -16.85 -17.79
N VAL A 26 -45.33 -17.50 -17.21
CA VAL A 26 -46.73 -17.24 -17.52
C VAL A 26 -47.53 -17.09 -16.24
N THR A 27 -48.40 -16.09 -16.18
CA THR A 27 -49.15 -15.83 -14.96
C THR A 27 -50.65 -15.79 -15.22
N ALA A 28 -51.40 -16.34 -14.27
CA ALA A 28 -52.86 -16.32 -14.36
C ALA A 28 -53.45 -15.29 -13.41
N ALA A 29 -54.55 -14.67 -13.83
CA ALA A 29 -55.32 -13.78 -12.99
C ALA A 29 -56.80 -14.13 -13.12
N ASP A 30 -57.54 -14.05 -12.01
CA ASP A 30 -58.96 -14.41 -12.01
C ASP A 30 -59.11 -15.87 -12.45
N GLY A 31 -58.25 -16.71 -11.93
CA GLY A 31 -58.24 -18.12 -12.28
C GLY A 31 -56.88 -18.72 -11.97
N VAL A 32 -56.70 -19.98 -12.35
CA VAL A 32 -55.42 -20.65 -12.15
C VAL A 32 -54.96 -21.29 -13.45
N LEU A 33 -53.67 -21.55 -13.55
CA LEU A 33 -53.11 -22.23 -14.70
C LEU A 33 -53.44 -23.71 -14.63
N ALA A 34 -54.19 -24.20 -15.61
CA ALA A 34 -54.55 -25.62 -15.66
C ALA A 34 -53.59 -26.40 -16.55
N ALA A 35 -52.87 -25.69 -17.41
CA ALA A 35 -52.04 -26.34 -18.40
C ALA A 35 -51.07 -25.35 -19.05
N VAL A 36 -49.77 -25.64 -18.97
CA VAL A 36 -48.78 -24.84 -19.65
C VAL A 36 -47.71 -25.72 -20.29
N THR A 37 -47.57 -25.60 -21.61
CA THR A 37 -46.51 -26.29 -22.33
C THR A 37 -45.72 -25.32 -23.21
N MET A 38 -44.42 -25.56 -23.31
CA MET A 38 -43.56 -24.85 -24.23
C MET A 38 -42.71 -25.88 -24.97
N VAL A 39 -42.78 -25.86 -26.30
CA VAL A 39 -41.98 -26.75 -27.13
C VAL A 39 -41.08 -25.94 -28.06
N ASN A 40 -39.94 -26.49 -28.43
CA ASN A 40 -39.14 -25.85 -29.45
C ASN A 40 -39.68 -26.20 -30.83
N ASP A 41 -38.99 -25.73 -31.87
CA ASP A 41 -39.42 -25.92 -33.25
C ASP A 41 -39.64 -27.39 -33.55
N ASN A 42 -38.72 -28.23 -33.08
CA ASN A 42 -38.76 -29.66 -33.33
C ASN A 42 -39.80 -30.41 -32.49
N GLY A 43 -40.54 -29.67 -31.67
CA GLY A 43 -41.58 -30.27 -30.84
C GLY A 43 -41.10 -30.80 -29.51
N ARG A 44 -39.81 -30.64 -29.23
CA ARG A 44 -39.26 -31.09 -27.96
C ARG A 44 -39.67 -30.16 -26.83
N PRO A 45 -40.31 -30.71 -25.78
CA PRO A 45 -40.80 -29.95 -24.64
C PRO A 45 -39.68 -29.29 -23.85
N VAL A 46 -39.98 -28.12 -23.28
CA VAL A 46 -39.03 -27.42 -22.41
C VAL A 46 -39.45 -27.64 -20.97
N ALA A 47 -38.48 -27.92 -20.10
CA ALA A 47 -38.79 -28.15 -18.69
C ALA A 47 -39.33 -26.87 -18.05
N GLY A 48 -40.42 -27.02 -17.31
CA GLY A 48 -41.02 -25.89 -16.61
C GLY A 48 -41.57 -26.29 -15.26
N ARG A 49 -42.00 -25.30 -14.48
CA ARG A 49 -42.49 -25.56 -13.13
C ARG A 49 -43.67 -24.67 -12.79
N LEU A 50 -44.75 -25.29 -12.31
CA LEU A 50 -45.93 -24.54 -11.89
C LEU A 50 -45.90 -24.33 -10.38
N SER A 51 -46.16 -23.10 -9.94
CA SER A 51 -46.20 -22.81 -8.51
C SER A 51 -47.38 -23.52 -7.86
N PRO A 52 -47.23 -23.92 -6.60
CA PRO A 52 -48.25 -24.66 -5.86
C PRO A 52 -49.63 -24.01 -5.94
N ASP A 53 -49.69 -22.69 -5.84
CA ASP A 53 -50.96 -21.98 -5.88
C ASP A 53 -51.54 -21.94 -7.30
N GLY A 54 -50.80 -22.47 -8.25
CA GLY A 54 -51.27 -22.60 -9.62
C GLY A 54 -51.27 -21.30 -10.42
N LEU A 55 -50.69 -20.24 -9.84
CA LEU A 55 -50.75 -18.92 -10.45
C LEU A 55 -49.59 -18.57 -11.37
N ARG A 56 -48.43 -19.20 -11.16
N ARG A 56 -48.44 -19.23 -11.16
CA ARG A 56 -47.25 -18.84 -11.93
CA ARG A 56 -47.22 -18.88 -11.88
C ARG A 56 -46.47 -20.05 -12.45
C ARG A 56 -46.49 -20.10 -12.45
N TRP A 57 -46.23 -20.06 -13.75
CA TRP A 57 -45.43 -21.11 -14.39
C TRP A 57 -44.18 -20.49 -14.98
N SER A 58 -43.06 -21.20 -14.83
CA SER A 58 -41.81 -20.70 -15.38
C SER A 58 -40.97 -21.85 -15.92
N THR A 59 -40.15 -21.56 -16.94
CA THR A 59 -39.17 -22.50 -17.42
C THR A 59 -38.13 -22.72 -16.32
N THR A 60 -37.47 -23.87 -16.35
CA THR A 60 -36.51 -24.21 -15.30
C THR A 60 -35.17 -24.70 -15.84
N GLU A 61 -35.04 -24.74 -17.15
CA GLU A 61 -33.77 -25.08 -17.76
C GLU A 61 -33.39 -24.00 -18.77
N GLN A 62 -32.18 -24.12 -19.32
CA GLN A 62 -31.65 -23.13 -20.24
C GLN A 62 -32.43 -23.11 -21.55
N LEU A 63 -32.72 -21.91 -22.05
CA LEU A 63 -33.33 -21.75 -23.36
C LEU A 63 -32.23 -21.52 -24.40
N GLY A 64 -32.41 -22.10 -25.58
CA GLY A 64 -31.38 -22.08 -26.60
C GLY A 64 -31.42 -20.91 -27.55
N TYR A 65 -30.24 -20.52 -28.03
CA TYR A 65 -30.12 -19.53 -29.09
C TYR A 65 -30.81 -20.02 -30.34
N ASN A 66 -31.27 -19.08 -31.17
CA ASN A 66 -31.67 -19.41 -32.52
C ASN A 66 -32.85 -20.39 -32.56
N ARG A 67 -33.85 -20.16 -31.72
CA ARG A 67 -34.94 -21.11 -31.64
C ARG A 67 -36.31 -20.46 -31.70
N ARG A 68 -37.27 -21.23 -32.20
CA ARG A 68 -38.65 -20.81 -32.24
C ARG A 68 -39.42 -21.62 -31.21
N TYR A 69 -39.86 -20.96 -30.14
CA TYR A 69 -40.59 -21.67 -29.11
C TYR A 69 -42.09 -21.38 -29.22
N THR A 70 -42.89 -22.36 -28.82
CA THR A 70 -44.33 -22.20 -28.84
C THR A 70 -44.90 -22.46 -27.46
N LEU A 71 -45.58 -21.46 -26.93
N LEU A 71 -45.62 -21.49 -26.92
CA LEU A 71 -46.22 -21.57 -25.63
CA LEU A 71 -46.16 -21.60 -25.58
C LEU A 71 -47.70 -21.93 -25.79
C LEU A 71 -47.69 -21.75 -25.59
N ASN A 72 -48.18 -22.77 -24.89
CA ASN A 72 -49.61 -23.02 -24.78
C ASN A 72 -49.98 -22.99 -23.31
N ALA A 73 -50.95 -22.14 -22.95
CA ALA A 73 -51.43 -22.10 -21.57
C ALA A 73 -52.94 -22.00 -21.53
N THR A 74 -53.52 -22.60 -20.50
CA THR A 74 -54.97 -22.59 -20.29
C THR A 74 -55.26 -22.25 -18.83
N ALA A 75 -56.12 -21.28 -18.60
CA ALA A 75 -56.45 -20.90 -17.24
C ALA A 75 -57.93 -21.12 -16.96
N LEU A 76 -58.23 -21.71 -15.81
CA LEU A 76 -59.62 -21.93 -15.42
C LEU A 76 -59.98 -21.10 -14.20
N GLY A 77 -61.15 -20.48 -14.24
CA GLY A 77 -61.69 -19.77 -13.09
C GLY A 77 -63.17 -20.05 -13.00
N LEU A 78 -63.81 -19.53 -11.95
CA LEU A 78 -65.26 -19.67 -11.80
C LEU A 78 -65.99 -18.93 -12.91
N GLY A 79 -65.27 -18.03 -13.56
CA GLY A 79 -65.84 -17.25 -14.66
C GLY A 79 -65.72 -17.95 -16.01
N GLY A 80 -64.86 -18.96 -16.09
CA GLY A 80 -64.72 -19.73 -17.31
C GLY A 80 -63.29 -20.14 -17.62
N ALA A 81 -62.99 -20.30 -18.90
CA ALA A 81 -61.67 -20.73 -19.33
C ALA A 81 -61.06 -19.75 -20.34
N ALA A 82 -59.75 -19.82 -20.50
CA ALA A 82 -59.06 -19.00 -21.48
C ALA A 82 -57.78 -19.68 -21.91
N THR A 83 -57.54 -19.73 -23.23
CA THR A 83 -56.33 -20.32 -23.76
C THR A 83 -55.60 -19.35 -24.67
N ARG A 84 -54.28 -19.34 -24.58
CA ARG A 84 -53.47 -18.53 -25.46
C ARG A 84 -52.34 -19.37 -26.09
N GLN A 85 -51.96 -19.00 -27.30
CA GLN A 85 -50.82 -19.62 -27.94
C GLN A 85 -49.86 -18.53 -28.36
N LEU A 86 -48.63 -18.62 -27.86
CA LEU A 86 -47.58 -17.66 -28.19
C LEU A 86 -46.40 -18.36 -28.84
N THR A 87 -45.95 -17.81 -29.96
CA THR A 87 -44.69 -18.25 -30.54
C THR A 87 -43.73 -17.07 -30.56
N PHE A 88 -42.47 -17.34 -30.21
CA PHE A 88 -41.46 -16.30 -30.22
C PHE A 88 -40.12 -16.89 -30.64
N GLN A 89 -39.21 -16.02 -31.06
CA GLN A 89 -37.88 -16.46 -31.49
C GLN A 89 -36.81 -15.82 -30.63
N THR A 90 -35.83 -16.61 -30.24
CA THR A 90 -34.77 -16.13 -29.37
C THR A 90 -33.63 -15.52 -30.18
N SER A 91 -32.69 -14.90 -29.48
CA SER A 91 -31.53 -14.29 -30.10
C SER A 91 -30.83 -15.25 -31.07
N SER A 92 -30.35 -14.71 -32.17
CA SER A 92 -29.60 -15.51 -33.13
C SER A 92 -28.22 -14.90 -33.31
N PRO A 93 -27.27 -15.30 -32.46
CA PRO A 93 -25.94 -14.69 -32.45
C PRO A 93 -25.20 -14.86 -33.78
N ALA A 94 -24.36 -13.89 -34.12
CA ALA A 94 -23.43 -14.05 -35.23
C ALA A 94 -22.14 -14.70 -34.69
N HIS A 95 -21.85 -14.44 -33.43
N HIS A 95 -21.83 -14.43 -33.43
CA HIS A 95 -20.65 -14.99 -32.80
CA HIS A 95 -20.62 -14.96 -32.80
C HIS A 95 -20.88 -15.34 -31.34
C HIS A 95 -20.88 -15.34 -31.35
N LEU A 96 -20.13 -16.32 -30.84
CA LEU A 96 -20.19 -16.69 -29.43
C LEU A 96 -18.84 -16.49 -28.78
N THR A 97 -18.82 -15.92 -27.58
CA THR A 97 -17.56 -15.81 -26.86
C THR A 97 -17.67 -16.49 -25.50
N MET A 98 -16.65 -17.28 -25.19
CA MET A 98 -16.55 -18.00 -23.92
C MET A 98 -15.68 -17.21 -22.94
N PRO A 99 -16.18 -17.02 -21.72
CA PRO A 99 -15.41 -16.33 -20.68
C PRO A 99 -14.59 -17.27 -19.81
N TYR A 100 -13.44 -16.81 -19.34
CA TYR A 100 -12.60 -17.57 -18.44
C TYR A 100 -12.26 -16.71 -17.23
N VAL A 101 -12.54 -17.22 -16.03
CA VAL A 101 -12.38 -16.39 -14.85
C VAL A 101 -11.31 -16.90 -13.87
N MET A 102 -10.35 -16.01 -13.58
CA MET A 102 -9.33 -16.23 -12.56
C MET A 102 -9.55 -15.26 -11.41
N PRO A 103 -9.12 -15.64 -10.19
CA PRO A 103 -8.46 -16.91 -9.84
C PRO A 103 -9.43 -18.09 -9.78
N GLY A 104 -8.89 -19.27 -9.50
CA GLY A 104 -9.67 -20.50 -9.49
C GLY A 104 -10.64 -20.62 -8.34
N ASP A 105 -11.68 -21.42 -8.55
CA ASP A 105 -12.73 -21.62 -7.57
C ASP A 105 -12.17 -22.30 -6.32
N GLY A 106 -12.61 -21.82 -5.15
CA GLY A 106 -12.15 -22.35 -3.89
C GLY A 106 -10.75 -21.90 -3.49
N GLU A 107 -10.02 -21.29 -4.40
CA GLU A 107 -8.65 -20.87 -4.15
C GLU A 107 -8.53 -19.84 -3.02
N VAL A 108 -7.36 -19.83 -2.37
CA VAL A 108 -7.00 -18.79 -1.42
C VAL A 108 -5.83 -18.00 -2.00
N VAL A 109 -6.00 -16.69 -2.15
CA VAL A 109 -5.02 -15.88 -2.85
C VAL A 109 -4.61 -14.65 -2.05
N GLY A 110 -3.56 -13.99 -2.51
CA GLY A 110 -3.01 -12.81 -1.84
C GLY A 110 -3.86 -11.56 -1.96
N VAL A 111 -3.41 -10.50 -1.31
CA VAL A 111 -4.19 -9.27 -1.19
C VAL A 111 -4.15 -8.42 -2.45
N GLY A 112 -3.30 -8.78 -3.41
CA GLY A 112 -3.21 -8.02 -4.65
C GLY A 112 -3.91 -8.70 -5.81
N GLU A 113 -4.61 -9.80 -5.54
CA GLU A 113 -5.24 -10.59 -6.60
C GLU A 113 -6.52 -9.96 -7.13
N PRO A 114 -6.49 -9.53 -8.39
CA PRO A 114 -7.69 -8.97 -9.05
C PRO A 114 -8.60 -10.07 -9.57
N VAL A 115 -9.85 -9.74 -9.79
CA VAL A 115 -10.74 -10.61 -10.55
C VAL A 115 -10.42 -10.44 -12.03
N ALA A 116 -10.27 -11.57 -12.73
CA ALA A 116 -9.96 -11.52 -14.15
C ALA A 116 -10.98 -12.30 -14.97
N ILE A 117 -11.58 -11.62 -15.95
CA ILE A 117 -12.46 -12.29 -16.90
C ILE A 117 -11.89 -12.12 -18.30
N ARG A 118 -11.42 -13.23 -18.87
CA ARG A 118 -10.89 -13.24 -20.22
C ARG A 118 -11.83 -13.92 -21.19
N PHE A 119 -12.17 -13.23 -22.27
CA PHE A 119 -13.01 -13.80 -23.31
C PHE A 119 -12.13 -14.30 -24.45
N ASP A 120 -12.64 -15.26 -25.22
CA ASP A 120 -11.88 -15.79 -26.35
C ASP A 120 -12.07 -14.96 -27.62
N GLU A 121 -12.83 -13.88 -27.52
CA GLU A 121 -13.10 -13.00 -28.66
C GLU A 121 -13.10 -11.55 -28.23
N ASN A 122 -12.81 -10.64 -29.15
CA ASN A 122 -12.82 -9.21 -28.82
C ASN A 122 -14.22 -8.76 -28.48
N ILE A 123 -14.35 -7.96 -27.42
CA ILE A 123 -15.64 -7.50 -26.94
C ILE A 123 -15.98 -6.13 -27.48
N ALA A 124 -16.94 -6.06 -28.40
CA ALA A 124 -17.35 -4.79 -28.98
C ALA A 124 -18.04 -3.88 -27.96
N ASP A 125 -18.84 -4.46 -27.07
CA ASP A 125 -19.58 -3.68 -26.08
C ASP A 125 -19.13 -4.01 -24.66
N ARG A 126 -18.01 -3.40 -24.25
CA ARG A 126 -17.43 -3.65 -22.93
C ARG A 126 -18.41 -3.35 -21.80
N GLY A 127 -19.20 -2.30 -21.96
CA GLY A 127 -20.18 -1.92 -20.96
C GLY A 127 -21.20 -3.00 -20.67
N ALA A 128 -21.56 -3.76 -21.70
CA ALA A 128 -22.49 -4.87 -21.55
C ALA A 128 -21.83 -6.04 -20.84
N ALA A 129 -20.53 -6.21 -21.07
CA ALA A 129 -19.79 -7.25 -20.36
C ALA A 129 -19.70 -6.92 -18.87
N GLU A 130 -19.32 -5.68 -18.57
CA GLU A 130 -19.17 -5.24 -17.19
C GLU A 130 -20.47 -5.41 -16.40
N LYS A 131 -21.56 -4.95 -17.00
CA LYS A 131 -22.90 -5.09 -16.43
C LYS A 131 -23.28 -6.55 -16.16
N ALA A 132 -22.79 -7.47 -17.01
CA ALA A 132 -23.19 -8.87 -16.93
C ALA A 132 -22.39 -9.62 -15.87
N ILE A 133 -21.40 -8.94 -15.30
CA ILE A 133 -20.50 -9.54 -14.33
C ILE A 133 -20.83 -9.07 -12.91
N LYS A 134 -21.36 -9.99 -12.11
CA LYS A 134 -21.83 -9.68 -10.77
C LYS A 134 -20.81 -10.09 -9.71
N ILE A 135 -20.18 -9.09 -9.09
CA ILE A 135 -19.17 -9.35 -8.07
C ILE A 135 -19.65 -9.01 -6.67
N THR A 136 -19.48 -9.96 -5.76
CA THR A 136 -19.90 -9.81 -4.37
C THR A 136 -18.71 -9.96 -3.43
N THR A 137 -18.58 -9.03 -2.48
CA THR A 137 -17.46 -9.08 -1.54
C THR A 137 -17.95 -9.07 -0.09
N ASN A 138 -17.19 -9.70 0.78
CA ASN A 138 -17.53 -9.78 2.21
C ASN A 138 -16.29 -9.87 3.08
N PRO A 139 -16.04 -8.84 3.91
CA PRO A 139 -16.88 -7.64 4.00
C PRO A 139 -16.92 -6.84 2.70
N PRO A 140 -18.03 -6.12 2.47
CA PRO A 140 -18.23 -5.32 1.26
C PRO A 140 -17.15 -4.25 1.08
N VAL A 141 -16.76 -4.05 -0.17
CA VAL A 141 -15.76 -3.05 -0.53
C VAL A 141 -15.98 -2.60 -1.96
N GLU A 142 -15.64 -1.34 -2.26
CA GLU A 142 -15.81 -0.82 -3.61
C GLU A 142 -14.70 -1.28 -4.54
N GLY A 143 -15.05 -1.56 -5.79
CA GLY A 143 -14.09 -1.91 -6.82
C GLY A 143 -14.59 -1.46 -8.18
N ALA A 144 -13.77 -1.64 -9.21
CA ALA A 144 -14.13 -1.16 -10.54
C ALA A 144 -13.51 -2.03 -11.62
N PHE A 145 -14.08 -1.97 -12.82
CA PHE A 145 -13.59 -2.72 -13.98
C PHE A 145 -12.59 -1.91 -14.78
N TYR A 146 -11.58 -2.59 -15.33
CA TYR A 146 -10.66 -1.94 -16.26
C TYR A 146 -10.13 -2.98 -17.24
N TRP A 147 -10.02 -2.61 -18.51
CA TRP A 147 -9.61 -3.56 -19.54
C TRP A 147 -8.12 -3.46 -19.85
N LEU A 148 -7.43 -4.60 -19.78
CA LEU A 148 -6.01 -4.65 -20.10
C LEU A 148 -5.81 -4.74 -21.60
N ASN A 149 -6.77 -5.37 -22.27
CA ASN A 149 -6.78 -5.49 -23.71
C ASN A 149 -8.22 -5.67 -24.18
N ASN A 150 -8.42 -6.03 -25.45
CA ASN A 150 -9.77 -6.13 -26.00
C ASN A 150 -10.54 -7.34 -25.50
N ARG A 151 -9.88 -8.20 -24.73
CA ARG A 151 -10.46 -9.48 -24.37
C ARG A 151 -10.53 -9.76 -22.87
N GLU A 152 -9.70 -9.06 -22.10
CA GLU A 152 -9.64 -9.32 -20.67
C GLU A 152 -9.92 -8.04 -19.85
N VAL A 153 -10.85 -8.17 -18.92
CA VAL A 153 -11.22 -7.07 -18.04
C VAL A 153 -10.85 -7.46 -16.61
N ARG A 154 -10.43 -6.49 -15.81
CA ARG A 154 -10.06 -6.74 -14.42
C ARG A 154 -10.99 -5.99 -13.47
N TRP A 155 -11.19 -6.55 -12.28
CA TRP A 155 -11.93 -5.89 -11.21
C TRP A 155 -11.10 -5.93 -9.91
N ARG A 156 -10.99 -4.79 -9.24
CA ARG A 156 -10.25 -4.73 -7.98
C ARG A 156 -10.66 -3.52 -7.16
N PRO A 157 -10.40 -3.56 -5.84
CA PRO A 157 -10.63 -2.44 -4.94
C PRO A 157 -9.60 -1.32 -5.12
N GLU A 158 -9.79 -0.21 -4.44
CA GLU A 158 -8.85 0.91 -4.51
C GLU A 158 -7.53 0.53 -3.87
N HIS A 159 -7.61 -0.18 -2.74
CA HIS A 159 -6.42 -0.68 -2.06
C HIS A 159 -6.43 -2.20 -2.02
N PHE A 160 -5.31 -2.78 -1.62
CA PHE A 160 -5.18 -4.22 -1.46
C PHE A 160 -6.34 -4.78 -0.66
N TRP A 161 -6.75 -6.00 -1.00
CA TRP A 161 -7.84 -6.68 -0.28
C TRP A 161 -7.57 -6.76 1.21
N LYS A 162 -8.62 -6.73 2.01
CA LYS A 162 -8.53 -7.08 3.41
C LYS A 162 -8.52 -8.61 3.53
N PRO A 163 -7.53 -9.15 4.23
CA PRO A 163 -7.48 -10.61 4.47
C PRO A 163 -8.77 -11.11 5.09
N GLY A 164 -9.20 -12.30 4.71
CA GLY A 164 -10.42 -12.88 5.24
C GLY A 164 -11.65 -12.51 4.43
N THR A 165 -11.45 -11.71 3.39
CA THR A 165 -12.55 -11.28 2.54
C THR A 165 -12.94 -12.36 1.53
N ALA A 166 -14.24 -12.64 1.45
CA ALA A 166 -14.77 -13.55 0.44
C ALA A 166 -15.08 -12.79 -0.83
N VAL A 167 -14.77 -13.39 -1.98
CA VAL A 167 -15.07 -12.77 -3.26
C VAL A 167 -15.89 -13.75 -4.09
N ASP A 168 -16.99 -13.25 -4.66
CA ASP A 168 -17.85 -14.10 -5.50
C ASP A 168 -18.03 -13.49 -6.87
N VAL A 169 -17.63 -14.23 -7.90
CA VAL A 169 -17.65 -13.72 -9.26
C VAL A 169 -18.63 -14.49 -10.14
N ALA A 170 -19.71 -13.83 -10.54
CA ALA A 170 -20.74 -14.47 -11.35
C ALA A 170 -20.78 -13.85 -12.75
N VAL A 171 -20.17 -14.54 -13.70
CA VAL A 171 -20.12 -14.06 -15.08
C VAL A 171 -21.36 -14.54 -15.84
N ASN A 172 -22.42 -13.74 -15.81
CA ASN A 172 -23.71 -14.14 -16.38
C ASN A 172 -23.88 -13.63 -17.80
N THR A 173 -23.05 -14.16 -18.70
CA THR A 173 -22.98 -13.68 -20.06
C THR A 173 -23.87 -14.44 -21.04
N TYR A 174 -24.38 -15.59 -20.63
CA TYR A 174 -25.24 -16.34 -21.53
C TYR A 174 -26.50 -15.52 -21.86
N GLY A 175 -26.82 -15.46 -23.14
CA GLY A 175 -28.00 -14.75 -23.60
C GLY A 175 -27.82 -13.25 -23.67
N VAL A 176 -26.62 -12.78 -23.36
CA VAL A 176 -26.32 -11.35 -23.37
C VAL A 176 -25.68 -10.91 -24.67
N ASP A 177 -26.21 -9.84 -25.26
CA ASP A 177 -25.61 -9.25 -26.45
C ASP A 177 -24.37 -8.43 -26.07
N LEU A 178 -23.19 -8.98 -26.35
CA LEU A 178 -21.94 -8.30 -26.04
C LEU A 178 -21.45 -7.40 -27.18
N GLY A 179 -22.33 -7.14 -28.15
CA GLY A 179 -22.00 -6.24 -29.23
C GLY A 179 -21.75 -6.91 -30.56
N GLU A 180 -22.29 -6.31 -31.61
CA GLU A 180 -22.09 -6.79 -32.97
C GLU A 180 -22.43 -8.27 -33.14
N GLY A 181 -23.56 -8.67 -32.56
CA GLY A 181 -24.08 -10.02 -32.73
C GLY A 181 -23.28 -11.09 -32.00
N MET A 182 -22.42 -10.66 -31.09
CA MET A 182 -21.66 -11.60 -30.28
C MET A 182 -22.33 -11.79 -28.92
N PHE A 183 -22.68 -13.03 -28.61
CA PHE A 183 -23.32 -13.37 -27.35
C PHE A 183 -22.46 -14.33 -26.53
N GLY A 184 -22.68 -14.37 -25.22
CA GLY A 184 -21.94 -15.27 -24.36
C GLY A 184 -22.29 -16.73 -24.62
N GLU A 185 -21.28 -17.57 -24.79
CA GLU A 185 -21.51 -18.99 -25.03
C GLU A 185 -22.08 -19.68 -23.79
N ASP A 186 -21.69 -19.19 -22.62
CA ASP A 186 -22.08 -19.79 -21.36
C ASP A 186 -21.85 -18.83 -20.20
N ASN A 187 -22.20 -19.26 -18.98
CA ASN A 187 -21.88 -18.52 -17.78
C ASN A 187 -20.73 -19.17 -17.05
N VAL A 188 -20.04 -18.41 -16.21
CA VAL A 188 -19.08 -18.99 -15.28
C VAL A 188 -19.24 -18.35 -13.91
N GLN A 189 -18.81 -19.06 -12.88
CA GLN A 189 -19.05 -18.65 -11.51
C GLN A 189 -17.94 -19.14 -10.59
N THR A 190 -17.03 -18.23 -10.21
CA THR A 190 -15.95 -18.58 -9.31
C THR A 190 -16.08 -17.87 -7.97
N HIS A 191 -15.56 -18.50 -6.92
CA HIS A 191 -15.54 -17.91 -5.58
C HIS A 191 -14.17 -18.16 -4.96
N PHE A 192 -13.62 -17.14 -4.31
CA PHE A 192 -12.31 -17.30 -3.68
C PHE A 192 -12.17 -16.43 -2.43
N THR A 193 -11.12 -16.68 -1.65
CA THR A 193 -10.94 -15.97 -0.39
C THR A 193 -9.58 -15.28 -0.33
N ILE A 194 -9.54 -14.12 0.34
CA ILE A 194 -8.28 -13.40 0.53
C ILE A 194 -7.53 -13.88 1.78
N GLY A 195 -6.37 -14.48 1.58
CA GLY A 195 -5.54 -14.95 2.67
C GLY A 195 -4.73 -13.86 3.35
N ASP A 196 -3.59 -14.24 3.93
CA ASP A 196 -2.70 -13.31 4.63
C ASP A 196 -2.13 -12.22 3.73
N GLU A 197 -1.79 -11.08 4.31
CA GLU A 197 -1.11 -10.03 3.58
C GLU A 197 0.38 -10.33 3.45
N VAL A 198 0.81 -10.69 2.24
CA VAL A 198 2.22 -10.96 1.99
C VAL A 198 2.77 -9.93 1.01
N ILE A 199 3.67 -9.08 1.50
CA ILE A 199 4.23 -8.01 0.69
C ILE A 199 5.75 -8.04 0.74
N ALA A 200 6.38 -8.32 -0.39
CA ALA A 200 7.84 -8.40 -0.46
C ALA A 200 8.41 -7.20 -1.20
N THR A 201 9.27 -6.45 -0.53
CA THR A 201 9.82 -5.23 -1.13
C THR A 201 11.29 -5.41 -1.49
N ALA A 202 11.60 -5.14 -2.76
CA ALA A 202 12.98 -5.19 -3.24
C ALA A 202 13.53 -3.77 -3.38
N ASP A 203 14.46 -3.40 -2.49
CA ASP A 203 15.04 -2.06 -2.49
C ASP A 203 16.40 -2.07 -3.19
N ASP A 204 16.50 -1.36 -4.31
CA ASP A 204 17.75 -1.32 -5.06
C ASP A 204 18.86 -0.63 -4.26
N ASN A 205 18.49 0.25 -3.33
CA ASN A 205 19.47 0.90 -2.47
C ASN A 205 20.19 -0.07 -1.54
N THR A 206 19.47 -1.08 -1.07
CA THR A 206 20.02 -2.05 -0.13
C THR A 206 20.28 -3.40 -0.79
N LYS A 207 19.69 -3.61 -1.98
CA LYS A 207 19.82 -4.88 -2.68
C LYS A 207 19.19 -6.03 -1.89
N ILE A 208 18.24 -5.69 -1.03
CA ILE A 208 17.57 -6.69 -0.20
C ILE A 208 16.10 -6.85 -0.61
N LEU A 209 15.62 -8.09 -0.57
CA LEU A 209 14.20 -8.37 -0.81
C LEU A 209 13.55 -8.78 0.50
N THR A 210 12.85 -7.84 1.13
CA THR A 210 12.24 -8.09 2.43
C THR A 210 10.80 -8.59 2.30
N VAL A 211 10.55 -9.76 2.89
CA VAL A 211 9.20 -10.31 2.90
C VAL A 211 8.49 -9.97 4.22
N ARG A 212 7.33 -9.35 4.12
CA ARG A 212 6.56 -8.98 5.30
C ARG A 212 5.20 -9.69 5.28
N VAL A 213 4.92 -10.43 6.35
CA VAL A 213 3.67 -11.15 6.46
C VAL A 213 2.82 -10.50 7.53
N ASN A 214 1.74 -9.84 7.10
CA ASN A 214 0.89 -9.09 8.02
C ASN A 214 1.69 -8.08 8.82
N GLY A 215 2.51 -7.30 8.14
CA GLY A 215 3.31 -6.27 8.78
C GLY A 215 4.67 -6.73 9.29
N GLU A 216 4.81 -8.02 9.58
CA GLU A 216 6.02 -8.53 10.19
C GLU A 216 7.06 -9.01 9.18
N VAL A 217 8.31 -8.57 9.39
CA VAL A 217 9.44 -9.03 8.61
C VAL A 217 9.75 -10.48 8.98
N VAL A 218 9.73 -11.37 8.00
CA VAL A 218 9.94 -12.78 8.28
C VAL A 218 11.08 -13.36 7.47
N LYS A 219 11.55 -12.58 6.49
CA LYS A 219 12.61 -13.07 5.62
C LYS A 219 13.31 -11.91 4.92
N SER A 220 14.64 -11.94 4.90
CA SER A 220 15.43 -10.89 4.25
C SER A 220 16.39 -11.52 3.26
N MET A 221 16.13 -11.31 1.98
CA MET A 221 16.88 -11.99 0.94
C MET A 221 17.80 -11.05 0.17
N PRO A 222 19.11 -11.29 0.26
CA PRO A 222 20.02 -10.60 -0.65
C PRO A 222 19.64 -10.93 -2.07
N THR A 223 19.54 -9.93 -2.93
CA THR A 223 19.10 -10.17 -4.29
C THR A 223 19.97 -9.41 -5.30
N SER A 224 20.00 -9.94 -6.52
CA SER A 224 20.60 -9.22 -7.64
C SER A 224 19.55 -9.03 -8.72
N MET A 225 19.18 -7.78 -8.95
CA MET A 225 18.16 -7.45 -9.94
C MET A 225 18.80 -7.12 -11.28
N GLY A 226 18.09 -6.39 -12.13
CA GLY A 226 18.55 -6.13 -13.48
C GLY A 226 19.73 -5.18 -13.56
N LYS A 227 20.79 -5.59 -14.26
CA LYS A 227 21.92 -4.72 -14.54
C LYS A 227 21.45 -3.47 -15.26
N ASP A 228 22.21 -2.38 -15.14
CA ASP A 228 21.81 -1.06 -15.64
C ASP A 228 21.14 -1.09 -17.02
N SER A 229 21.74 -1.81 -17.96
CA SER A 229 21.23 -1.79 -19.34
C SER A 229 19.94 -2.59 -19.50
N THR A 230 19.67 -3.51 -18.58
CA THR A 230 18.40 -4.24 -18.58
C THR A 230 17.83 -4.26 -17.17
N PRO A 231 17.47 -3.07 -16.65
CA PRO A 231 17.07 -2.91 -15.26
C PRO A 231 15.70 -3.51 -14.96
N THR A 232 15.50 -3.87 -13.71
CA THR A 232 14.20 -4.29 -13.22
C THR A 232 13.32 -3.06 -13.02
N ALA A 233 12.14 -3.07 -13.62
CA ALA A 233 11.25 -1.90 -13.50
C ALA A 233 10.77 -1.72 -12.08
N ASN A 234 10.66 -0.46 -11.65
CA ASN A 234 10.04 -0.16 -10.36
C ASN A 234 8.55 -0.35 -10.43
N GLY A 235 7.92 -0.54 -9.28
CA GLY A 235 6.47 -0.62 -9.23
C GLY A 235 5.93 -1.83 -8.49
N ILE A 236 4.63 -2.02 -8.60
CA ILE A 236 3.94 -3.09 -7.89
C ILE A 236 3.69 -4.30 -8.80
N TYR A 237 4.21 -5.45 -8.39
CA TYR A 237 4.01 -6.68 -9.13
C TYR A 237 3.05 -7.60 -8.37
N ILE A 238 2.15 -8.24 -9.10
CA ILE A 238 1.30 -9.27 -8.51
C ILE A 238 1.92 -10.65 -8.77
N VAL A 239 2.06 -11.44 -7.72
CA VAL A 239 2.57 -12.79 -7.86
C VAL A 239 1.60 -13.63 -8.69
N GLY A 240 2.15 -14.36 -9.67
CA GLY A 240 1.35 -15.22 -10.53
C GLY A 240 1.61 -16.68 -10.24
N SER A 241 2.10 -17.42 -11.23
CA SER A 241 2.38 -18.83 -11.06
C SER A 241 3.75 -19.09 -10.43
N ARG A 242 3.93 -20.26 -9.84
CA ARG A 242 5.23 -20.65 -9.29
C ARG A 242 5.67 -21.99 -9.88
N TYR A 243 6.98 -22.16 -10.06
CA TYR A 243 7.51 -23.37 -10.67
C TYR A 243 8.67 -23.96 -9.88
N LYS A 244 8.69 -25.29 -9.76
CA LYS A 244 9.83 -25.97 -9.18
C LYS A 244 11.06 -25.77 -10.06
N HIS A 245 10.84 -25.86 -11.37
CA HIS A 245 11.86 -25.51 -12.34
C HIS A 245 11.16 -25.08 -13.62
N ILE A 246 11.84 -24.25 -14.41
CA ILE A 246 11.26 -23.75 -15.65
C ILE A 246 12.38 -23.28 -16.57
N ILE A 247 12.21 -23.48 -17.87
CA ILE A 247 13.12 -22.91 -18.85
C ILE A 247 12.64 -21.52 -19.22
N MET A 248 13.41 -20.51 -18.84
CA MET A 248 13.07 -19.15 -19.20
C MET A 248 13.57 -18.82 -20.59
N ASP A 249 12.63 -18.51 -21.48
CA ASP A 249 12.94 -18.24 -22.87
C ASP A 249 12.57 -16.79 -23.20
N SER A 250 13.58 -15.96 -23.48
CA SER A 250 13.36 -14.55 -23.73
C SER A 250 12.45 -14.31 -24.94
N SER A 251 12.41 -15.25 -25.88
CA SER A 251 11.56 -15.09 -27.05
C SER A 251 10.08 -15.13 -26.67
N THR A 252 9.78 -15.84 -25.59
CA THR A 252 8.44 -15.86 -25.03
C THR A 252 7.99 -14.45 -24.65
N TYR A 253 8.95 -13.58 -24.37
CA TYR A 253 8.65 -12.21 -23.93
C TYR A 253 9.11 -11.17 -24.94
N GLY A 254 9.20 -11.56 -26.20
CA GLY A 254 9.45 -10.61 -27.28
C GLY A 254 10.90 -10.38 -27.67
N VAL A 255 11.82 -10.89 -26.85
CA VAL A 255 13.25 -10.67 -27.10
C VAL A 255 13.93 -11.93 -27.64
N PRO A 256 14.41 -11.86 -28.89
CA PRO A 256 15.04 -13.02 -29.54
C PRO A 256 16.20 -13.57 -28.72
N VAL A 257 16.26 -14.88 -28.54
CA VAL A 257 17.29 -15.51 -27.71
C VAL A 257 18.68 -15.13 -28.20
N ASN A 258 18.87 -15.18 -29.52
CA ASN A 258 20.15 -14.86 -30.13
C ASN A 258 20.48 -13.36 -30.09
N SER A 259 19.68 -12.59 -29.35
CA SER A 259 19.90 -11.15 -29.21
C SER A 259 20.90 -10.83 -28.11
N PRO A 260 21.38 -9.58 -28.08
CA PRO A 260 22.29 -9.12 -27.02
C PRO A 260 21.65 -9.22 -25.64
N ASN A 261 20.32 -9.11 -25.58
CA ASN A 261 19.60 -9.22 -24.31
C ASN A 261 18.78 -10.50 -24.22
N GLY A 262 18.91 -11.35 -25.23
CA GLY A 262 18.24 -12.63 -25.23
C GLY A 262 18.85 -13.59 -24.23
N TYR A 263 18.16 -14.71 -24.02
CA TYR A 263 18.60 -15.73 -23.07
C TYR A 263 17.66 -16.92 -23.09
N ARG A 264 18.19 -18.08 -22.74
CA ARG A 264 17.38 -19.27 -22.51
C ARG A 264 18.00 -19.99 -21.33
N THR A 265 17.34 -19.86 -20.18
CA THR A 265 17.91 -20.34 -18.92
C THR A 265 16.98 -21.31 -18.22
N ASP A 266 17.53 -22.45 -17.81
CA ASP A 266 16.81 -23.40 -16.98
C ASP A 266 17.05 -23.07 -15.51
N VAL A 267 16.01 -22.59 -14.81
CA VAL A 267 16.15 -22.18 -13.42
C VAL A 267 15.25 -22.95 -12.46
N ASP A 268 15.63 -22.92 -11.19
CA ASP A 268 14.89 -23.57 -10.13
C ASP A 268 14.03 -22.58 -9.35
N TRP A 269 12.94 -23.07 -8.78
CA TRP A 269 12.13 -22.32 -7.83
C TRP A 269 11.76 -20.94 -8.34
N ALA A 270 11.03 -20.92 -9.44
CA ALA A 270 10.72 -19.66 -10.13
C ALA A 270 9.31 -19.20 -9.82
N THR A 271 9.21 -18.00 -9.29
CA THR A 271 7.92 -17.35 -9.05
C THR A 271 7.77 -16.18 -10.02
N GLN A 272 6.78 -16.26 -10.90
CA GLN A 272 6.54 -15.21 -11.88
C GLN A 272 5.85 -14.01 -11.22
N ILE A 273 6.29 -12.80 -11.57
CA ILE A 273 5.61 -11.62 -11.04
C ILE A 273 5.28 -10.60 -12.13
N SER A 274 5.58 -10.92 -13.39
CA SER A 274 5.12 -10.10 -14.51
C SER A 274 5.04 -10.91 -15.80
N TYR A 275 4.03 -10.62 -16.62
CA TYR A 275 3.91 -11.22 -17.93
C TYR A 275 5.15 -10.95 -18.77
N SER A 276 5.79 -9.81 -18.51
CA SER A 276 6.97 -9.40 -19.27
C SER A 276 8.18 -10.27 -18.97
N GLY A 277 8.01 -11.21 -18.03
CA GLY A 277 9.02 -12.21 -17.77
C GLY A 277 9.86 -12.04 -16.51
N VAL A 278 9.42 -11.17 -15.60
CA VAL A 278 10.13 -11.00 -14.34
C VAL A 278 9.80 -12.13 -13.38
N PHE A 279 10.85 -12.78 -12.88
CA PHE A 279 10.72 -13.90 -11.94
C PHE A 279 11.59 -13.71 -10.72
N VAL A 280 11.09 -14.13 -9.56
CA VAL A 280 11.96 -14.42 -8.42
C VAL A 280 12.37 -15.88 -8.56
N HIS A 281 13.66 -16.14 -8.73
CA HIS A 281 14.13 -17.52 -8.92
C HIS A 281 15.52 -17.76 -8.33
N SER A 282 15.91 -19.03 -8.27
CA SER A 282 17.23 -19.40 -7.73
C SER A 282 18.36 -19.06 -8.70
N ALA A 283 19.26 -18.18 -8.27
CA ALA A 283 20.41 -17.80 -9.08
C ALA A 283 21.72 -18.08 -8.35
N PRO A 284 22.17 -19.34 -8.36
CA PRO A 284 23.41 -19.75 -7.67
C PRO A 284 24.65 -19.07 -8.26
N TRP A 285 24.65 -18.89 -9.57
CA TRP A 285 25.79 -18.31 -10.28
C TRP A 285 26.10 -16.86 -9.88
N SER A 286 25.16 -16.21 -9.19
CA SER A 286 25.35 -14.81 -8.82
C SER A 286 25.25 -14.56 -7.32
N VAL A 287 25.38 -15.63 -6.53
CA VAL A 287 25.27 -15.50 -5.07
C VAL A 287 26.26 -14.49 -4.52
N GLY A 288 27.40 -14.34 -5.20
CA GLY A 288 28.38 -13.35 -4.81
C GLY A 288 27.89 -11.92 -5.00
N ALA A 289 27.16 -11.68 -6.09
CA ALA A 289 26.69 -10.32 -6.42
C ALA A 289 25.48 -9.91 -5.59
N GLN A 290 24.66 -10.88 -5.21
CA GLN A 290 23.40 -10.62 -4.52
C GLN A 290 23.61 -9.83 -3.22
N GLY A 291 22.90 -8.72 -3.09
CA GLY A 291 23.09 -7.82 -1.97
C GLY A 291 24.10 -6.72 -2.26
N HIS A 292 24.74 -6.80 -3.41
CA HIS A 292 25.79 -5.84 -3.78
C HIS A 292 25.60 -5.24 -5.17
N THR A 293 25.42 -6.09 -6.18
CA THR A 293 25.41 -5.64 -7.56
C THR A 293 24.31 -6.31 -8.40
N ASN A 294 23.67 -5.53 -9.26
CA ASN A 294 22.66 -6.07 -10.17
C ASN A 294 23.34 -6.66 -11.41
N THR A 295 22.91 -7.85 -11.82
CA THR A 295 23.56 -8.55 -12.91
C THR A 295 22.58 -9.27 -13.85
N SER A 296 21.29 -9.22 -13.54
CA SER A 296 20.30 -10.00 -14.28
C SER A 296 19.78 -9.29 -15.51
N HIS A 297 18.93 -9.98 -16.27
CA HIS A 297 18.23 -9.39 -17.41
C HIS A 297 17.00 -8.66 -16.91
N GLY A 298 16.63 -8.89 -15.65
CA GLY A 298 15.52 -8.17 -15.05
C GLY A 298 14.92 -8.89 -13.87
N CYS A 299 15.22 -10.19 -13.76
CA CYS A 299 14.68 -11.00 -12.67
C CYS A 299 15.28 -10.59 -11.34
N LEU A 300 14.63 -11.01 -10.27
CA LEU A 300 15.19 -10.85 -8.94
C LEU A 300 15.92 -12.15 -8.59
N ASN A 301 17.24 -12.09 -8.70
CA ASN A 301 18.09 -13.24 -8.39
C ASN A 301 18.31 -13.38 -6.90
N VAL A 302 18.01 -14.56 -6.36
CA VAL A 302 18.27 -14.85 -4.96
C VAL A 302 18.88 -16.23 -4.80
N SER A 303 19.30 -16.56 -3.58
CA SER A 303 19.91 -17.84 -3.29
C SER A 303 18.92 -18.97 -3.55
N PRO A 304 19.44 -20.18 -3.82
CA PRO A 304 18.61 -21.36 -4.00
C PRO A 304 17.62 -21.56 -2.84
N SER A 305 18.10 -21.44 -1.61
CA SER A 305 17.25 -21.69 -0.45
C SER A 305 16.19 -20.59 -0.30
N ASN A 306 16.57 -19.34 -0.53
CA ASN A 306 15.61 -18.23 -0.48
C ASN A 306 14.58 -18.32 -1.61
N ALA A 307 14.98 -18.84 -2.76
CA ALA A 307 14.06 -19.02 -3.87
C ALA A 307 13.02 -20.08 -3.53
N GLN A 308 13.48 -21.18 -2.96
CA GLN A 308 12.58 -22.25 -2.54
C GLN A 308 11.69 -21.76 -1.40
N TRP A 309 12.26 -20.96 -0.50
CA TRP A 309 11.48 -20.36 0.57
C TRP A 309 10.35 -19.53 -0.02
N PHE A 310 10.70 -18.69 -1.00
CA PHE A 310 9.73 -17.82 -1.66
C PHE A 310 8.63 -18.69 -2.30
N TYR A 311 9.05 -19.73 -3.01
CA TYR A 311 8.15 -20.70 -3.61
C TYR A 311 7.17 -21.30 -2.57
N ASP A 312 7.71 -21.69 -1.42
CA ASP A 312 6.89 -22.34 -0.40
C ASP A 312 5.95 -21.37 0.33
N HIS A 313 6.37 -20.13 0.52
CA HIS A 313 5.63 -19.22 1.41
C HIS A 313 4.83 -18.12 0.70
N VAL A 314 5.14 -17.83 -0.55
CA VAL A 314 4.40 -16.81 -1.29
C VAL A 314 3.41 -17.46 -2.23
N LYS A 315 2.21 -16.89 -2.32
CA LYS A 315 1.14 -17.47 -3.13
C LYS A 315 0.63 -16.50 -4.19
N ARG A 316 -0.13 -17.04 -5.14
CA ARG A 316 -0.78 -16.24 -6.17
C ARG A 316 -1.55 -15.07 -5.54
N GLY A 317 -1.27 -13.87 -5.99
CA GLY A 317 -1.96 -12.70 -5.47
C GLY A 317 -1.16 -11.90 -4.46
N ASP A 318 -0.14 -12.52 -3.86
CA ASP A 318 0.74 -11.78 -2.98
C ASP A 318 1.47 -10.70 -3.77
N ILE A 319 2.09 -9.76 -3.08
CA ILE A 319 2.64 -8.59 -3.74
C ILE A 319 4.16 -8.47 -3.64
N VAL A 320 4.79 -8.15 -4.75
CA VAL A 320 6.20 -7.76 -4.75
C VAL A 320 6.31 -6.31 -5.19
N GLU A 321 6.99 -5.50 -4.39
CA GLU A 321 7.25 -4.11 -4.77
C GLU A 321 8.73 -3.83 -5.00
N VAL A 322 9.02 -3.22 -6.15
CA VAL A 322 10.38 -2.82 -6.47
C VAL A 322 10.51 -1.31 -6.36
N VAL A 323 11.57 -0.85 -5.70
CA VAL A 323 11.78 0.57 -5.48
C VAL A 323 13.23 1.01 -5.71
N ASN A 324 13.39 2.21 -6.26
CA ASN A 324 14.68 2.87 -6.39
C ASN A 324 15.65 2.28 -7.42
N THR A 325 15.15 1.50 -8.37
CA THR A 325 16.01 1.00 -9.45
C THR A 325 16.18 2.07 -10.51
N VAL A 326 17.06 1.83 -11.47
CA VAL A 326 17.27 2.78 -12.54
C VAL A 326 16.29 2.55 -13.69
N GLY A 327 15.38 1.59 -13.50
CA GLY A 327 14.37 1.32 -14.51
C GLY A 327 13.22 2.31 -14.45
N GLY A 328 12.25 2.13 -15.34
CA GLY A 328 11.04 2.92 -15.28
C GLY A 328 10.06 2.26 -14.32
N THR A 329 8.78 2.35 -14.65
CA THR A 329 7.72 1.73 -13.86
C THR A 329 7.04 0.65 -14.67
N LEU A 330 6.64 -0.43 -14.00
CA LEU A 330 5.97 -1.54 -14.67
C LEU A 330 4.64 -1.07 -15.27
N PRO A 331 4.43 -1.33 -16.57
CA PRO A 331 3.17 -0.99 -17.24
C PRO A 331 1.94 -1.52 -16.51
N GLY A 332 0.94 -0.65 -16.33
CA GLY A 332 -0.28 -1.04 -15.64
C GLY A 332 -1.01 -2.18 -16.32
N ILE A 333 -0.83 -2.30 -17.63
CA ILE A 333 -1.51 -3.36 -18.38
C ILE A 333 -0.60 -4.53 -18.71
N ASP A 334 0.40 -4.75 -17.86
CA ASP A 334 1.31 -5.87 -18.02
C ASP A 334 0.58 -7.20 -17.97
N GLY A 335 -0.45 -7.27 -17.12
CA GLY A 335 -1.12 -8.51 -16.83
C GLY A 335 -0.99 -8.83 -15.35
N LEU A 336 0.11 -8.34 -14.76
CA LEU A 336 0.34 -8.47 -13.33
C LEU A 336 0.71 -7.13 -12.71
N GLY A 337 0.55 -6.05 -13.50
CA GLY A 337 0.89 -4.72 -13.05
C GLY A 337 -0.29 -3.82 -12.78
N ASP A 338 -1.45 -4.43 -12.54
CA ASP A 338 -2.72 -3.70 -12.34
C ASP A 338 -2.62 -2.55 -11.34
N TRP A 339 -1.90 -2.76 -10.24
CA TRP A 339 -1.86 -1.78 -9.16
C TRP A 339 -1.08 -0.53 -9.53
N ASN A 340 -0.30 -0.57 -10.60
CA ASN A 340 0.46 0.60 -11.00
C ASN A 340 -0.39 1.69 -11.68
N ILE A 341 -1.66 1.36 -11.91
CA ILE A 341 -2.61 2.34 -12.45
C ILE A 341 -3.30 3.10 -11.31
N PRO A 342 -3.30 4.43 -11.35
CA PRO A 342 -3.91 5.21 -10.26
C PRO A 342 -5.41 4.97 -10.16
N TRP A 343 -5.92 4.88 -8.93
CA TRP A 343 -7.32 4.51 -8.68
C TRP A 343 -8.32 5.32 -9.49
N ASP A 344 -8.09 6.62 -9.61
CA ASP A 344 -9.00 7.49 -10.36
C ASP A 344 -9.08 7.07 -11.82
N GLN A 345 -7.95 6.65 -12.37
CA GLN A 345 -7.90 6.22 -13.76
C GLN A 345 -8.48 4.81 -13.91
N TRP A 346 -8.30 3.99 -12.89
CA TRP A 346 -8.86 2.64 -12.91
C TRP A 346 -10.37 2.69 -12.70
N ARG A 347 -10.81 3.52 -11.74
CA ARG A 347 -12.22 3.66 -11.46
C ARG A 347 -12.98 4.22 -12.66
N ALA A 348 -12.37 5.18 -13.35
CA ALA A 348 -12.97 5.77 -14.54
C ALA A 348 -13.14 4.72 -15.62
N GLY A 349 -12.28 3.70 -15.57
CA GLY A 349 -12.36 2.58 -16.48
C GLY A 349 -12.09 2.95 -17.93
N ASN A 350 -12.38 2.01 -18.81
CA ASN A 350 -12.16 2.22 -20.24
C ASN A 350 -13.14 1.41 -21.07
N ALA A 351 -14.39 1.37 -20.64
CA ALA A 351 -15.43 0.66 -21.37
C ALA A 351 -15.81 1.39 -22.65
N LYS A 352 -15.53 2.68 -22.69
CA LYS A 352 -15.87 3.53 -23.83
C LYS A 352 -17.38 3.63 -24.00
N ASP B 1 -16.86 9.44 -36.34
CA ASP B 1 -15.87 10.38 -36.88
C ASP B 1 -15.39 11.36 -35.81
N LEU B 2 -16.17 12.40 -35.57
CA LEU B 2 -15.82 13.42 -34.60
C LEU B 2 -16.05 12.94 -33.17
N LEU B 3 -14.96 12.79 -32.43
CA LEU B 3 -15.03 12.32 -31.05
C LEU B 3 -15.45 13.43 -30.09
N VAL B 4 -16.24 13.05 -29.09
CA VAL B 4 -16.69 13.98 -28.06
C VAL B 4 -15.64 14.05 -26.94
N PRO B 5 -15.30 15.27 -26.51
CA PRO B 5 -14.36 15.50 -25.41
C PRO B 5 -14.69 14.67 -24.17
N LYS B 6 -13.66 14.19 -23.50
CA LYS B 6 -13.82 13.32 -22.33
C LYS B 6 -13.14 13.91 -21.10
N LEU B 7 -13.86 13.99 -19.98
CA LEU B 7 -13.33 14.55 -18.74
C LEU B 7 -13.09 13.46 -17.71
N THR B 8 -11.93 13.52 -17.04
CA THR B 8 -11.59 12.55 -16.02
C THR B 8 -11.03 13.19 -14.76
N ALA B 9 -11.82 13.17 -13.68
CA ALA B 9 -11.40 13.76 -12.43
C ALA B 9 -10.76 12.73 -11.51
N SER B 10 -9.89 13.17 -10.61
CA SER B 10 -9.29 12.27 -9.63
C SER B 10 -10.23 12.07 -8.44
N VAL B 11 -11.38 12.75 -8.48
CA VAL B 11 -12.41 12.55 -7.48
C VAL B 11 -13.73 12.16 -8.13
N THR B 12 -14.63 11.57 -7.33
CA THR B 12 -15.95 11.17 -7.81
C THR B 12 -17.04 12.11 -7.31
N ASP B 13 -17.95 12.50 -8.19
CA ASP B 13 -19.11 13.26 -7.78
C ASP B 13 -19.88 12.47 -6.70
N GLY B 14 -20.16 13.14 -5.59
CA GLY B 14 -20.89 12.51 -4.49
C GLY B 14 -19.99 11.75 -3.53
N ALA B 15 -18.68 11.82 -3.73
CA ALA B 15 -17.74 11.07 -2.90
C ALA B 15 -17.51 11.74 -1.56
N VAL B 16 -17.19 10.92 -0.56
CA VAL B 16 -16.88 11.40 0.78
C VAL B 16 -15.59 10.77 1.28
N GLY B 17 -15.05 11.31 2.37
CA GLY B 17 -13.82 10.80 2.95
C GLY B 17 -12.63 10.95 2.02
N VAL B 18 -12.71 11.92 1.12
CA VAL B 18 -11.63 12.21 0.20
C VAL B 18 -10.40 12.73 0.95
N THR B 19 -9.26 12.11 0.74
CA THR B 19 -8.07 12.45 1.50
C THR B 19 -7.36 13.64 0.88
N VAL B 20 -6.86 14.52 1.73
CA VAL B 20 -6.19 15.73 1.26
C VAL B 20 -4.66 15.59 1.34
N ASP B 21 -4.18 14.37 1.21
CA ASP B 21 -2.75 14.10 1.11
C ASP B 21 -2.28 14.18 -0.34
N ALA B 22 -3.21 14.46 -1.25
CA ALA B 22 -2.90 14.56 -2.68
C ALA B 22 -3.74 15.66 -3.34
N PRO B 23 -3.24 16.19 -4.46
CA PRO B 23 -3.99 17.22 -5.18
C PRO B 23 -5.20 16.64 -5.89
N VAL B 24 -6.15 17.51 -6.24
CA VAL B 24 -7.28 17.11 -7.06
C VAL B 24 -7.01 17.52 -8.51
N SER B 25 -7.35 16.66 -9.46
CA SER B 25 -7.03 16.94 -10.85
C SER B 25 -8.16 16.60 -11.79
N VAL B 26 -8.14 17.25 -12.96
CA VAL B 26 -9.10 17.00 -14.01
C VAL B 26 -8.35 16.85 -15.32
N THR B 27 -8.72 15.86 -16.11
CA THR B 27 -7.97 15.57 -17.33
C THR B 27 -8.88 15.46 -18.53
N ALA B 28 -8.48 16.10 -19.62
CA ALA B 28 -9.27 16.11 -20.84
C ALA B 28 -8.70 15.15 -21.88
N ALA B 29 -9.59 14.53 -22.65
CA ALA B 29 -9.19 13.64 -23.74
C ALA B 29 -9.99 14.00 -24.99
N ASP B 30 -9.35 13.90 -26.15
CA ASP B 30 -9.99 14.25 -27.41
C ASP B 30 -10.49 15.69 -27.35
N GLY B 31 -9.73 16.54 -26.67
CA GLY B 31 -10.10 17.92 -26.50
C GLY B 31 -9.20 18.59 -25.48
N VAL B 32 -9.59 19.79 -25.05
CA VAL B 32 -8.79 20.54 -24.10
C VAL B 32 -9.70 21.13 -23.04
N LEU B 33 -9.13 21.47 -21.88
CA LEU B 33 -9.88 22.08 -20.81
C LEU B 33 -10.06 23.58 -21.05
N ALA B 34 -11.30 24.01 -21.28
CA ALA B 34 -11.58 25.42 -21.55
C ALA B 34 -11.90 26.19 -20.26
N ALA B 35 -12.27 25.47 -19.22
CA ALA B 35 -12.62 26.07 -17.95
C ALA B 35 -12.61 25.05 -16.83
N VAL B 36 -11.87 25.36 -15.77
CA VAL B 36 -11.86 24.51 -14.59
C VAL B 36 -11.87 25.38 -13.36
N THR B 37 -12.84 25.14 -12.49
CA THR B 37 -12.92 25.87 -11.23
C THR B 37 -13.30 24.95 -10.08
N MET B 38 -12.67 25.17 -8.93
N MET B 38 -12.66 25.17 -8.93
CA MET B 38 -13.05 24.48 -7.71
CA MET B 38 -13.04 24.48 -7.70
C MET B 38 -13.31 25.51 -6.63
C MET B 38 -13.31 25.52 -6.63
N VAL B 39 -14.38 25.33 -5.87
CA VAL B 39 -14.72 26.24 -4.79
C VAL B 39 -15.11 25.43 -3.57
N ASN B 40 -14.96 26.03 -2.39
CA ASN B 40 -15.39 25.38 -1.17
C ASN B 40 -16.83 25.76 -0.84
N ASP B 41 -17.34 25.22 0.27
CA ASP B 41 -18.74 25.40 0.63
C ASP B 41 -19.01 26.79 1.15
N ASN B 42 -18.08 27.71 0.90
CA ASN B 42 -18.26 29.12 1.21
C ASN B 42 -18.17 29.96 -0.06
N GLY B 43 -18.04 29.30 -1.20
CA GLY B 43 -17.95 29.98 -2.48
C GLY B 43 -16.54 30.35 -2.91
N ARG B 44 -15.63 30.42 -1.93
N ARG B 44 -15.63 30.42 -1.93
CA ARG B 44 -14.24 30.78 -2.21
C ARG B 44 -13.58 29.79 -3.16
N PRO B 45 -12.86 30.30 -4.16
CA PRO B 45 -12.22 29.48 -5.20
C PRO B 45 -10.87 28.93 -4.75
N VAL B 46 -10.56 27.71 -5.16
CA VAL B 46 -9.29 27.09 -4.80
C VAL B 46 -8.25 27.32 -5.88
N ALA B 47 -7.01 27.57 -5.47
CA ALA B 47 -5.93 27.77 -6.42
C ALA B 47 -5.69 26.51 -7.22
N GLY B 48 -5.43 26.68 -8.51
CA GLY B 48 -5.15 25.57 -9.38
C GLY B 48 -4.33 26.00 -10.57
N ARG B 49 -3.81 25.02 -11.31
CA ARG B 49 -2.98 25.32 -12.46
C ARG B 49 -3.32 24.42 -13.63
N LEU B 50 -3.48 25.02 -14.79
CA LEU B 50 -3.71 24.28 -16.02
C LEU B 50 -2.38 24.10 -16.73
N SER B 51 -2.14 22.90 -17.25
CA SER B 51 -0.92 22.64 -18.01
C SER B 51 -0.98 23.40 -19.33
N PRO B 52 0.20 23.81 -19.82
CA PRO B 52 0.32 24.59 -21.06
C PRO B 52 -0.38 23.95 -22.26
N ASP B 53 -0.44 22.63 -22.32
CA ASP B 53 -1.14 21.96 -23.43
C ASP B 53 -2.65 21.91 -23.19
N GLY B 54 -3.10 22.43 -22.05
CA GLY B 54 -4.51 22.50 -21.73
C GLY B 54 -5.16 21.17 -21.44
N LEU B 55 -4.35 20.14 -21.24
CA LEU B 55 -4.88 18.80 -21.03
C LEU B 55 -5.02 18.42 -19.55
N ARG B 56 -4.24 19.07 -18.69
N ARG B 56 -4.24 19.07 -18.69
CA ARG B 56 -4.21 18.71 -17.28
C ARG B 56 -4.31 19.93 -16.34
N TRP B 57 -5.25 19.84 -15.41
CA TRP B 57 -5.42 20.86 -14.40
C TRP B 57 -5.26 20.22 -13.03
N SER B 58 -4.77 20.98 -12.06
CA SER B 58 -4.58 20.45 -10.73
C SER B 58 -4.60 21.56 -9.69
N THR B 59 -5.16 21.28 -8.52
CA THR B 59 -5.06 22.22 -7.41
C THR B 59 -3.60 22.41 -7.05
N THR B 60 -3.26 23.60 -6.57
CA THR B 60 -1.87 23.92 -6.29
C THR B 60 -1.63 24.26 -4.82
N GLU B 61 -2.69 24.26 -4.03
CA GLU B 61 -2.57 24.55 -2.61
C GLU B 61 -3.14 23.42 -1.78
N GLN B 62 -2.90 23.51 -0.47
CA GLN B 62 -3.39 22.51 0.47
C GLN B 62 -4.93 22.53 0.53
N LEU B 63 -5.53 21.37 0.39
CA LEU B 63 -6.97 21.26 0.58
C LEU B 63 -7.26 21.06 2.06
N GLY B 64 -8.41 21.53 2.53
CA GLY B 64 -8.72 21.46 3.94
C GLY B 64 -9.44 20.20 4.36
N TYR B 65 -9.36 19.88 5.64
CA TYR B 65 -10.20 18.86 6.24
C TYR B 65 -11.62 19.39 6.33
N ASN B 66 -12.59 18.48 6.35
CA ASN B 66 -13.96 18.85 6.66
C ASN B 66 -14.50 19.93 5.71
N ARG B 67 -14.13 19.83 4.43
CA ARG B 67 -14.59 20.78 3.42
C ARG B 67 -15.49 20.10 2.41
N ARG B 68 -16.42 20.85 1.85
CA ARG B 68 -17.22 20.36 0.74
C ARG B 68 -16.82 21.16 -0.50
N TYR B 69 -16.21 20.50 -1.47
CA TYR B 69 -15.72 21.17 -2.66
C TYR B 69 -16.58 20.89 -3.88
N THR B 70 -16.72 21.89 -4.74
CA THR B 70 -17.45 21.68 -5.99
C THR B 70 -16.55 21.98 -7.18
N LEU B 71 -16.43 20.97 -8.05
CA LEU B 71 -15.59 21.09 -9.22
C LEU B 71 -16.42 21.26 -10.48
N ASN B 72 -16.09 22.28 -11.27
CA ASN B 72 -16.70 22.47 -12.58
C ASN B 72 -15.65 22.43 -13.66
N ALA B 73 -15.89 21.65 -14.72
CA ALA B 73 -14.96 21.58 -15.83
C ALA B 73 -15.69 21.52 -17.17
N THR B 74 -15.16 22.23 -18.16
CA THR B 74 -15.65 22.14 -19.53
C THR B 74 -14.51 21.78 -20.48
N ALA B 75 -14.73 20.74 -21.28
CA ALA B 75 -13.75 20.34 -22.28
C ALA B 75 -14.31 20.61 -23.67
N LEU B 76 -13.51 21.29 -24.50
CA LEU B 76 -13.88 21.52 -25.89
C LEU B 76 -12.95 20.75 -26.83
N GLY B 77 -13.53 20.19 -27.89
CA GLY B 77 -12.75 19.50 -28.90
C GLY B 77 -13.27 19.87 -30.27
N LEU B 78 -12.54 19.45 -31.31
CA LEU B 78 -12.95 19.74 -32.68
C LEU B 78 -14.39 19.30 -32.92
N GLY B 79 -14.77 18.20 -32.29
CA GLY B 79 -16.12 17.69 -32.38
C GLY B 79 -16.87 17.73 -31.06
N GLY B 80 -17.19 18.93 -30.58
CA GLY B 80 -18.12 19.08 -29.48
C GLY B 80 -17.61 19.66 -28.17
N ALA B 81 -18.43 19.53 -27.14
CA ALA B 81 -18.12 20.03 -25.81
C ALA B 81 -18.64 19.08 -24.73
N ALA B 82 -18.08 19.21 -23.53
CA ALA B 82 -18.56 18.42 -22.40
C ALA B 82 -18.31 19.14 -21.09
N THR B 83 -19.36 19.28 -20.29
CA THR B 83 -19.25 19.90 -18.98
C THR B 83 -19.66 18.91 -17.89
N ARG B 84 -18.99 19.01 -16.76
CA ARG B 84 -19.32 18.21 -15.59
C ARG B 84 -19.26 19.07 -14.34
N GLN B 85 -20.10 18.73 -13.37
CA GLN B 85 -19.99 19.32 -12.04
C GLN B 85 -19.81 18.20 -11.02
N LEU B 86 -18.82 18.34 -10.14
CA LEU B 86 -18.59 17.34 -9.10
C LEU B 86 -18.57 17.98 -7.71
N THR B 87 -19.23 17.33 -6.76
CA THR B 87 -19.16 17.78 -5.38
C THR B 87 -18.81 16.64 -4.45
N PHE B 88 -17.78 16.85 -3.63
CA PHE B 88 -17.26 15.81 -2.76
C PHE B 88 -16.87 16.40 -1.42
N GLN B 89 -16.78 15.55 -0.40
N GLN B 89 -16.79 15.56 -0.40
CA GLN B 89 -16.39 16.00 0.92
CA GLN B 89 -16.39 16.00 0.92
C GLN B 89 -15.07 15.36 1.33
C GLN B 89 -15.06 15.36 1.32
N THR B 90 -14.17 16.16 1.89
CA THR B 90 -12.87 15.66 2.31
C THR B 90 -12.97 15.08 3.73
N SER B 91 -11.88 14.47 4.19
CA SER B 91 -11.84 13.83 5.51
C SER B 91 -12.20 14.77 6.65
N SER B 92 -12.92 14.24 7.63
CA SER B 92 -13.18 14.99 8.86
C SER B 92 -12.54 14.28 10.05
N PRO B 93 -11.32 14.71 10.42
CA PRO B 93 -10.64 14.05 11.53
C PRO B 93 -11.40 14.21 12.85
N ALA B 94 -11.25 13.22 13.73
CA ALA B 94 -11.72 13.36 15.11
C ALA B 94 -10.63 14.02 15.94
N HIS B 95 -9.40 13.91 15.46
CA HIS B 95 -8.24 14.48 16.14
C HIS B 95 -7.16 14.88 15.14
N LEU B 96 -6.30 15.80 15.55
CA LEU B 96 -5.13 16.19 14.77
C LEU B 96 -3.87 15.97 15.58
N THR B 97 -2.86 15.37 14.95
CA THR B 97 -1.59 15.17 15.61
C THR B 97 -0.48 15.85 14.82
N MET B 98 0.35 16.63 15.51
CA MET B 98 1.47 17.31 14.89
C MET B 98 2.77 16.56 15.13
N PRO B 99 3.54 16.31 14.07
CA PRO B 99 4.84 15.66 14.22
C PRO B 99 5.95 16.67 14.49
N TYR B 100 6.94 16.27 15.28
CA TYR B 100 8.12 17.10 15.50
C TYR B 100 9.35 16.25 15.18
N VAL B 101 10.20 16.75 14.30
CA VAL B 101 11.33 15.96 13.82
C VAL B 101 12.68 16.45 14.32
N MET B 102 13.51 15.51 14.74
CA MET B 102 14.88 15.79 15.15
C MET B 102 15.84 14.88 14.40
N PRO B 103 17.07 15.35 14.14
CA PRO B 103 17.62 16.64 14.57
C PRO B 103 17.11 17.80 13.72
N GLY B 104 17.55 19.02 14.05
CA GLY B 104 17.10 20.22 13.37
C GLY B 104 17.57 20.33 11.92
N ASP B 105 16.89 21.15 11.16
CA ASP B 105 17.18 21.28 9.73
C ASP B 105 18.51 21.99 9.47
N GLY B 106 19.34 21.38 8.64
CA GLY B 106 20.64 21.94 8.30
C GLY B 106 21.74 21.64 9.30
N GLU B 107 21.41 20.94 10.39
CA GLU B 107 22.40 20.63 11.42
C GLU B 107 23.44 19.62 10.94
N VAL B 108 24.62 19.68 11.57
CA VAL B 108 25.64 18.65 11.41
C VAL B 108 25.69 17.86 12.71
N VAL B 109 25.46 16.55 12.64
CA VAL B 109 25.39 15.72 13.85
C VAL B 109 26.35 14.55 13.81
N GLY B 110 26.52 13.91 14.98
CA GLY B 110 27.42 12.78 15.12
C GLY B 110 26.89 11.49 14.53
N VAL B 111 27.72 10.46 14.57
CA VAL B 111 27.43 9.20 13.89
C VAL B 111 26.40 8.33 14.59
N GLY B 112 25.97 8.76 15.79
CA GLY B 112 24.99 8.01 16.55
C GLY B 112 23.60 8.62 16.52
N GLU B 113 23.45 9.70 15.75
CA GLU B 113 22.18 10.41 15.70
C GLU B 113 21.13 9.68 14.87
N PRO B 114 20.06 9.22 15.52
CA PRO B 114 18.93 8.61 14.81
C PRO B 114 17.99 9.68 14.29
N VAL B 115 17.22 9.37 13.26
CA VAL B 115 16.11 10.23 12.87
C VAL B 115 15.00 10.07 13.90
N ALA B 116 14.41 11.18 14.32
CA ALA B 116 13.35 11.13 15.31
C ALA B 116 12.10 11.89 14.85
N ILE B 117 10.98 11.18 14.84
CA ILE B 117 9.69 11.80 14.61
C ILE B 117 8.83 11.64 15.87
N ARG B 118 8.57 12.75 16.55
CA ARG B 118 7.72 12.74 17.72
C ARG B 118 6.37 13.35 17.42
N PHE B 119 5.30 12.58 17.65
CA PHE B 119 3.95 13.08 17.47
C PHE B 119 3.44 13.58 18.82
N ASP B 120 2.58 14.59 18.79
CA ASP B 120 2.05 15.15 20.03
C ASP B 120 0.82 14.39 20.51
N GLU B 121 0.55 13.24 19.90
CA GLU B 121 -0.56 12.38 20.30
C GLU B 121 -0.20 10.90 20.10
N ASN B 122 -0.88 10.00 20.79
CA ASN B 122 -0.65 8.57 20.61
C ASN B 122 -1.06 8.10 19.22
N ILE B 123 -0.17 7.37 18.57
CA ILE B 123 -0.43 6.90 17.20
C ILE B 123 -1.03 5.50 17.19
N ALA B 124 -2.29 5.39 16.80
CA ALA B 124 -2.99 4.10 16.80
C ALA B 124 -2.53 3.17 15.67
N ASP B 125 -2.11 3.76 14.55
CA ASP B 125 -1.70 2.99 13.37
C ASP B 125 -0.27 3.35 12.98
N ARG B 126 0.70 2.68 13.60
CA ARG B 126 2.10 3.00 13.40
C ARG B 126 2.54 2.71 11.96
N GLY B 127 1.98 1.64 11.38
CA GLY B 127 2.27 1.30 10.01
C GLY B 127 2.02 2.47 9.08
N ALA B 128 0.91 3.16 9.29
CA ALA B 128 0.54 4.33 8.50
C ALA B 128 1.51 5.48 8.75
N ALA B 129 1.92 5.67 10.00
CA ALA B 129 2.91 6.71 10.31
C ALA B 129 4.26 6.40 9.64
N GLU B 130 4.72 5.16 9.78
CA GLU B 130 5.99 4.76 9.18
C GLU B 130 5.94 4.92 7.67
N LYS B 131 4.88 4.42 7.07
CA LYS B 131 4.68 4.50 5.63
C LYS B 131 4.69 5.94 5.11
N ALA B 132 4.29 6.90 5.96
CA ALA B 132 4.19 8.29 5.53
C ALA B 132 5.51 9.05 5.68
N ILE B 133 6.51 8.38 6.25
CA ILE B 133 7.80 9.02 6.47
C ILE B 133 8.81 8.55 5.44
N LYS B 134 9.33 9.48 4.64
CA LYS B 134 10.27 9.12 3.58
C LYS B 134 11.67 9.60 3.93
N ILE B 135 12.54 8.64 4.22
CA ILE B 135 13.92 8.96 4.56
C ILE B 135 14.86 8.62 3.40
N THR B 136 15.63 9.63 3.00
CA THR B 136 16.62 9.48 1.93
C THR B 136 18.02 9.58 2.51
N THR B 137 18.91 8.69 2.09
CA THR B 137 20.28 8.72 2.58
C THR B 137 21.29 8.66 1.44
N ASN B 138 22.40 9.37 1.63
CA ASN B 138 23.43 9.46 0.61
C ASN B 138 24.81 9.57 1.24
N PRO B 139 25.65 8.53 1.08
CA PRO B 139 25.35 7.30 0.35
C PRO B 139 24.22 6.49 0.98
N PRO B 140 23.35 5.89 0.15
CA PRO B 140 22.25 5.08 0.67
C PRO B 140 22.73 3.97 1.59
N VAL B 141 22.00 3.75 2.68
CA VAL B 141 22.31 2.71 3.64
C VAL B 141 21.01 2.13 4.21
N GLU B 142 21.00 0.83 4.48
CA GLU B 142 19.83 0.20 5.08
C GLU B 142 19.55 0.75 6.48
N GLY B 143 18.27 1.01 6.77
CA GLY B 143 17.85 1.51 8.06
C GLY B 143 16.43 1.05 8.36
N ALA B 144 15.93 1.33 9.55
CA ALA B 144 14.59 0.87 9.93
C ALA B 144 13.97 1.70 11.05
N PHE B 145 12.66 1.56 11.19
CA PHE B 145 11.88 2.27 12.22
C PHE B 145 11.73 1.44 13.49
N TYR B 146 11.68 2.13 14.63
CA TYR B 146 11.37 1.49 15.89
C TYR B 146 10.73 2.50 16.82
N TRP B 147 9.69 2.09 17.53
CA TRP B 147 8.97 3.00 18.41
C TRP B 147 9.48 2.92 19.84
N LEU B 148 9.96 4.05 20.35
CA LEU B 148 10.45 4.11 21.73
C LEU B 148 9.27 4.15 22.70
N ASN B 149 8.19 4.77 22.26
CA ASN B 149 6.96 4.86 23.04
C ASN B 149 5.79 5.03 22.06
N ASN B 150 4.61 5.41 22.54
CA ASN B 150 3.44 5.52 21.66
C ASN B 150 3.43 6.74 20.76
N ARG B 151 4.41 7.63 20.94
CA ARG B 151 4.38 8.91 20.25
C ARG B 151 5.61 9.17 19.41
N GLU B 152 6.74 8.58 19.78
CA GLU B 152 8.00 8.83 19.08
C GLU B 152 8.51 7.58 18.39
N VAL B 153 8.84 7.72 17.12
CA VAL B 153 9.44 6.63 16.36
C VAL B 153 10.84 7.06 15.94
N ARG B 154 11.74 6.09 15.80
CA ARG B 154 13.11 6.39 15.44
C ARG B 154 13.49 5.63 14.18
N TRP B 155 14.45 6.17 13.43
CA TRP B 155 14.96 5.51 12.24
C TRP B 155 16.48 5.60 12.25
N ARG B 156 17.15 4.46 12.10
CA ARG B 156 18.61 4.45 12.07
C ARG B 156 19.14 3.24 11.31
N PRO B 157 20.42 3.28 10.93
CA PRO B 157 21.10 2.14 10.31
C PRO B 157 21.43 1.05 11.32
N GLU B 158 22.00 -0.05 10.85
CA GLU B 158 22.48 -1.12 11.72
C GLU B 158 23.64 -0.64 12.57
N HIS B 159 24.60 0.04 11.92
CA HIS B 159 25.76 0.56 12.61
C HIS B 159 25.75 2.10 12.59
N PHE B 160 26.73 2.71 13.25
CA PHE B 160 26.85 4.16 13.26
C PHE B 160 26.92 4.70 11.83
N TRP B 161 26.40 5.91 11.63
CA TRP B 161 26.46 6.54 10.33
C TRP B 161 27.89 6.62 9.82
N LYS B 162 28.02 6.68 8.50
CA LYS B 162 29.29 6.96 7.87
C LYS B 162 29.42 8.47 7.74
N PRO B 163 30.52 9.04 8.28
CA PRO B 163 30.75 10.48 8.16
C PRO B 163 30.51 10.99 6.75
N GLY B 164 29.86 12.14 6.60
CA GLY B 164 29.62 12.72 5.30
C GLY B 164 28.30 12.32 4.66
N THR B 165 27.54 11.47 5.33
CA THR B 165 26.24 11.04 4.81
C THR B 165 25.22 12.16 4.89
N ALA B 166 24.46 12.35 3.81
CA ALA B 166 23.34 13.29 3.82
C ALA B 166 22.07 12.55 4.20
N VAL B 167 21.30 13.14 5.10
CA VAL B 167 20.04 12.52 5.53
C VAL B 167 18.87 13.46 5.27
N ASP B 168 17.85 12.93 4.61
CA ASP B 168 16.65 13.72 4.31
C ASP B 168 15.42 13.05 4.86
N VAL B 169 14.60 13.84 5.57
CA VAL B 169 13.43 13.29 6.26
C VAL B 169 12.16 14.03 5.86
N ALA B 170 11.30 13.37 5.11
CA ALA B 170 10.04 13.99 4.69
C ALA B 170 8.85 13.33 5.36
N VAL B 171 8.27 14.03 6.34
CA VAL B 171 7.14 13.50 7.09
C VAL B 171 5.83 13.95 6.45
N ASN B 172 5.28 13.11 5.58
CA ASN B 172 4.13 13.49 4.79
C ASN B 172 2.83 12.99 5.41
N THR B 173 2.53 13.54 6.58
CA THR B 173 1.43 13.07 7.40
C THR B 173 0.14 13.84 7.17
N TYR B 174 0.22 15.01 6.54
CA TYR B 174 -1.01 15.76 6.26
C TYR B 174 -1.93 14.99 5.33
N GLY B 175 -3.17 14.81 5.76
CA GLY B 175 -4.17 14.13 4.96
C GLY B 175 -4.18 12.63 5.16
N VAL B 176 -3.31 12.15 6.04
CA VAL B 176 -3.18 10.72 6.27
C VAL B 176 -3.83 10.29 7.58
N ASP B 177 -4.63 9.23 7.49
CA ASP B 177 -5.31 8.68 8.65
C ASP B 177 -4.33 7.86 9.49
N LEU B 178 -3.88 8.43 10.60
CA LEU B 178 -2.92 7.77 11.47
C LEU B 178 -3.61 6.83 12.48
N GLY B 179 -4.88 6.53 12.23
CA GLY B 179 -5.60 5.58 13.05
C GLY B 179 -6.65 6.19 13.96
N GLU B 180 -7.78 5.51 14.08
CA GLU B 180 -8.88 5.93 14.95
C GLU B 180 -9.30 7.38 14.72
N GLY B 181 -9.32 7.81 13.46
CA GLY B 181 -9.76 9.15 13.13
C GLY B 181 -8.75 10.24 13.43
N MET B 182 -7.52 9.81 13.70
N MET B 182 -7.52 9.83 13.72
CA MET B 182 -6.42 10.73 13.95
CA MET B 182 -6.46 10.80 13.97
C MET B 182 -5.73 11.08 12.63
C MET B 182 -5.70 11.11 12.69
N PHE B 183 -5.75 12.36 12.27
CA PHE B 183 -5.13 12.79 11.03
C PHE B 183 -3.96 13.75 11.27
N GLY B 184 -2.95 13.67 10.40
CA GLY B 184 -1.81 14.53 10.47
C GLY B 184 -2.18 16.00 10.39
N GLU B 185 -1.61 16.80 11.29
CA GLU B 185 -1.91 18.22 11.31
C GLU B 185 -1.20 18.92 10.17
N ASP B 186 0.02 18.47 9.87
CA ASP B 186 0.80 19.07 8.79
C ASP B 186 1.96 18.18 8.39
N ASN B 187 2.65 18.60 7.33
CA ASN B 187 3.90 17.95 6.91
C ASN B 187 5.10 18.65 7.52
N VAL B 188 6.15 17.88 7.76
CA VAL B 188 7.42 18.47 8.16
C VAL B 188 8.54 17.88 7.31
N GLN B 189 9.61 18.63 7.14
CA GLN B 189 10.66 18.27 6.19
C GLN B 189 12.02 18.77 6.66
N THR B 190 12.78 17.91 7.33
CA THR B 190 14.13 18.30 7.76
C THR B 190 15.22 17.57 7.00
N HIS B 191 16.41 18.15 7.01
CA HIS B 191 17.57 17.58 6.36
C HIS B 191 18.82 17.85 7.20
N PHE B 192 19.62 16.83 7.42
CA PHE B 192 20.85 17.03 8.18
C PHE B 192 22.01 16.25 7.58
N THR B 193 23.19 16.46 8.15
CA THR B 193 24.41 15.81 7.67
C THR B 193 25.19 15.21 8.83
N ILE B 194 25.86 14.09 8.57
CA ILE B 194 26.69 13.44 9.57
C ILE B 194 28.13 13.94 9.54
N GLY B 195 28.65 14.33 10.70
CA GLY B 195 30.00 14.86 10.79
C GLY B 195 31.01 13.83 11.24
N ASP B 196 32.05 14.28 11.95
CA ASP B 196 33.15 13.42 12.36
C ASP B 196 32.71 12.32 13.32
N GLU B 197 33.40 11.18 13.25
CA GLU B 197 33.19 10.11 14.21
C GLU B 197 33.79 10.49 15.57
N VAL B 198 32.93 10.70 16.55
CA VAL B 198 33.36 11.08 17.89
C VAL B 198 32.79 10.10 18.91
N ILE B 199 33.67 9.29 19.48
CA ILE B 199 33.27 8.26 20.42
C ILE B 199 34.05 8.41 21.72
N ALA B 200 33.33 8.73 22.80
CA ALA B 200 33.96 8.86 24.10
C ALA B 200 33.68 7.61 24.92
N THR B 201 34.74 6.97 25.43
CA THR B 201 34.57 5.75 26.20
C THR B 201 34.93 5.96 27.67
N ALA B 202 33.99 5.61 28.55
CA ALA B 202 34.23 5.64 29.98
C ALA B 202 34.42 4.22 30.51
N ASP B 203 35.64 3.88 30.87
CA ASP B 203 35.96 2.56 31.40
C ASP B 203 36.04 2.62 32.92
N ASP B 204 35.11 1.95 33.59
CA ASP B 204 35.06 1.98 35.06
C ASP B 204 36.35 1.42 35.66
N ASN B 205 37.09 0.63 34.89
CA ASN B 205 38.34 0.03 35.39
C ASN B 205 39.44 1.06 35.57
N THR B 206 39.59 1.97 34.60
CA THR B 206 40.55 3.07 34.73
C THR B 206 39.88 4.32 35.28
N LYS B 207 38.55 4.36 35.18
CA LYS B 207 37.78 5.55 35.51
C LYS B 207 38.28 6.76 34.73
N ILE B 208 38.60 6.52 33.46
CA ILE B 208 38.97 7.56 32.53
C ILE B 208 37.92 7.67 31.41
N LEU B 209 37.62 8.89 31.00
CA LEU B 209 36.75 9.12 29.85
C LEU B 209 37.62 9.56 28.68
N THR B 210 37.81 8.67 27.71
CA THR B 210 38.70 8.93 26.60
C THR B 210 37.94 9.29 25.34
N VAL B 211 38.24 10.48 24.80
CA VAL B 211 37.55 10.93 23.61
C VAL B 211 38.36 10.61 22.37
N ARG B 212 37.73 9.96 21.40
CA ARG B 212 38.38 9.62 20.14
C ARG B 212 37.68 10.29 18.97
N VAL B 213 38.46 11.01 18.16
CA VAL B 213 37.93 11.64 16.96
C VAL B 213 38.48 10.88 15.75
N ASN B 214 37.59 10.22 15.02
CA ASN B 214 37.97 9.40 13.88
C ASN B 214 39.11 8.44 14.21
N GLY B 215 38.99 7.76 15.35
CA GLY B 215 39.93 6.72 15.73
C GLY B 215 41.05 7.17 16.64
N GLU B 216 41.28 8.46 16.72
CA GLU B 216 42.44 8.95 17.48
C GLU B 216 42.06 9.60 18.80
N VAL B 217 42.73 9.17 19.86
CA VAL B 217 42.55 9.77 21.17
C VAL B 217 42.95 11.23 21.11
N VAL B 218 42.12 12.11 21.64
CA VAL B 218 42.40 13.54 21.58
C VAL B 218 42.23 14.20 22.94
N LYS B 219 41.63 13.46 23.88
CA LYS B 219 41.42 13.96 25.23
C LYS B 219 41.24 12.80 26.19
N SER B 220 41.85 12.89 27.37
CA SER B 220 41.70 11.86 28.39
C SER B 220 41.26 12.46 29.72
N MET B 221 39.99 12.26 30.06
CA MET B 221 39.39 12.89 31.22
C MET B 221 39.19 11.94 32.38
N PRO B 222 39.90 12.17 33.49
CA PRO B 222 39.59 11.45 34.72
C PRO B 222 38.15 11.77 35.12
N THR B 223 37.38 10.75 35.51
CA THR B 223 35.97 10.94 35.79
C THR B 223 35.53 10.23 37.06
N SER B 224 34.45 10.72 37.66
CA SER B 224 33.81 10.01 38.77
C SER B 224 32.38 9.69 38.40
N MET B 225 32.07 8.41 38.29
CA MET B 225 30.73 7.98 37.90
C MET B 225 29.92 7.55 39.12
N GLY B 226 28.76 6.95 38.88
CA GLY B 226 27.84 6.62 39.94
C GLY B 226 28.40 5.68 40.98
N LYS B 227 28.24 6.04 42.25
CA LYS B 227 28.61 5.17 43.36
C LYS B 227 27.91 3.82 43.24
N ASP B 228 28.41 2.82 43.95
CA ASP B 228 27.90 1.46 43.85
C ASP B 228 26.37 1.38 44.02
N SER B 229 25.80 2.20 44.91
CA SER B 229 24.37 2.16 45.19
C SER B 229 23.54 2.88 44.14
N THR B 230 24.16 3.77 43.37
CA THR B 230 23.48 4.47 42.28
C THR B 230 24.41 4.58 41.08
N PRO B 231 24.73 3.43 40.49
CA PRO B 231 25.76 3.30 39.44
C PRO B 231 25.34 3.84 38.08
N THR B 232 26.34 4.08 37.25
CA THR B 232 26.13 4.43 35.85
C THR B 232 25.89 3.15 35.07
N ALA B 233 24.78 3.07 34.33
CA ALA B 233 24.55 1.93 33.47
C ALA B 233 25.63 1.84 32.40
N ASN B 234 26.10 0.62 32.14
CA ASN B 234 26.98 0.39 30.99
C ASN B 234 26.19 0.62 29.71
N GLY B 235 26.90 0.70 28.58
CA GLY B 235 26.22 0.74 27.31
C GLY B 235 26.52 1.94 26.42
N ILE B 236 25.75 2.06 25.35
CA ILE B 236 25.97 3.11 24.37
C ILE B 236 25.00 4.26 24.59
N TYR B 237 25.54 5.45 24.81
CA TYR B 237 24.73 6.65 25.00
C TYR B 237 24.88 7.57 23.80
N ILE B 238 23.75 8.10 23.32
CA ILE B 238 23.76 9.13 22.28
C ILE B 238 23.84 10.52 22.92
N VAL B 239 24.74 11.37 22.45
CA VAL B 239 24.85 12.72 23.02
C VAL B 239 23.64 13.58 22.61
N GLY B 240 23.07 14.27 23.58
CA GLY B 240 21.90 15.10 23.36
C GLY B 240 22.20 16.58 23.43
N SER B 241 21.46 17.31 24.27
CA SER B 241 21.61 18.76 24.36
C SER B 241 22.82 19.17 25.21
N ARG B 242 23.13 20.46 25.15
N ARG B 242 23.20 20.44 25.15
CA ARG B 242 24.28 21.05 25.81
CA ARG B 242 24.33 20.91 25.95
C ARG B 242 23.84 22.20 26.71
C ARG B 242 24.02 22.25 26.62
N TYR B 243 24.54 22.41 27.83
CA TYR B 243 24.22 23.56 28.66
C TYR B 243 25.46 24.18 29.31
N LYS B 244 25.63 25.49 29.11
CA LYS B 244 26.65 26.25 29.82
C LYS B 244 26.48 26.04 31.33
N HIS B 245 25.23 25.92 31.74
CA HIS B 245 24.90 25.60 33.12
C HIS B 245 23.46 25.13 33.18
N ILE B 246 23.13 24.34 34.19
CA ILE B 246 21.78 23.82 34.32
C ILE B 246 21.52 23.31 35.73
N ILE B 247 20.32 23.57 36.24
CA ILE B 247 19.90 22.98 37.50
C ILE B 247 19.37 21.58 37.23
N MET B 248 20.06 20.58 37.77
CA MET B 248 19.61 19.22 37.64
C MET B 248 18.69 18.86 38.81
N ASP B 249 17.44 18.57 38.47
CA ASP B 249 16.40 18.29 39.45
C ASP B 249 15.98 16.82 39.31
N SER B 250 16.31 16.02 40.32
CA SER B 250 15.98 14.60 40.29
C SER B 250 14.48 14.37 40.11
N SER B 251 13.68 15.26 40.69
CA SER B 251 12.22 15.11 40.63
C SER B 251 11.75 15.18 39.19
N THR B 252 12.59 15.72 38.32
CA THR B 252 12.36 15.70 36.88
C THR B 252 12.49 14.28 36.33
N TYR B 253 13.32 13.47 36.98
CA TYR B 253 13.55 12.10 36.52
C TYR B 253 12.87 11.07 37.41
N GLY B 254 11.80 11.47 38.08
CA GLY B 254 11.00 10.57 38.88
C GLY B 254 11.34 10.50 40.35
N VAL B 255 12.49 11.04 40.72
CA VAL B 255 13.00 10.87 42.09
C VAL B 255 12.86 12.14 42.93
N PRO B 256 12.10 12.06 44.03
CA PRO B 256 11.90 13.20 44.93
C PRO B 256 13.23 13.77 45.41
N VAL B 257 13.35 15.09 45.42
CA VAL B 257 14.60 15.75 45.77
C VAL B 257 15.07 15.33 47.16
N ASN B 258 14.12 15.25 48.09
CA ASN B 258 14.46 14.93 49.47
C ASN B 258 14.40 13.43 49.72
N SER B 259 14.54 12.65 48.67
CA SER B 259 14.75 11.21 48.77
C SER B 259 16.20 10.94 49.12
N PRO B 260 16.50 9.69 49.50
CA PRO B 260 17.89 9.30 49.75
C PRO B 260 18.74 9.45 48.48
N ASN B 261 18.14 9.28 47.31
CA ASN B 261 18.87 9.41 46.05
C ASN B 261 18.45 10.64 45.26
N GLY B 262 17.71 11.53 45.90
CA GLY B 262 17.28 12.76 45.27
C GLY B 262 18.33 13.86 45.36
N TYR B 263 18.17 14.89 44.53
CA TYR B 263 19.11 16.00 44.48
C TYR B 263 18.54 17.16 43.67
N ARG B 264 19.03 18.36 43.98
CA ARG B 264 18.76 19.54 43.17
C ARG B 264 20.02 20.37 43.19
N THR B 265 20.73 20.36 42.06
CA THR B 265 22.08 20.88 42.01
C THR B 265 22.31 21.73 40.77
N ASP B 266 23.00 22.84 40.94
CA ASP B 266 23.38 23.67 39.81
C ASP B 266 24.79 23.31 39.34
N VAL B 267 24.93 22.91 38.08
CA VAL B 267 26.21 22.50 37.54
C VAL B 267 26.55 23.24 36.25
N ASP B 268 27.85 23.35 35.97
CA ASP B 268 28.32 24.00 34.76
C ASP B 268 28.69 22.99 33.68
N TRP B 269 28.64 23.44 32.43
CA TRP B 269 29.12 22.65 31.29
C TRP B 269 28.55 21.23 31.27
N ALA B 270 27.23 21.13 31.14
CA ALA B 270 26.59 19.82 31.18
C ALA B 270 26.14 19.39 29.78
N THR B 271 26.63 18.22 29.36
CA THR B 271 26.16 17.58 28.15
C THR B 271 25.28 16.39 28.53
N GLN B 272 24.03 16.39 28.05
CA GLN B 272 23.11 15.31 28.36
C GLN B 272 23.38 14.09 27.48
N ILE B 273 23.39 12.90 28.07
CA ILE B 273 23.62 11.70 27.28
C ILE B 273 22.57 10.61 27.53
N SER B 274 21.65 10.85 28.45
CA SER B 274 20.46 9.98 28.55
C SER B 274 19.26 10.77 29.09
N TYR B 275 18.07 10.32 28.73
CA TYR B 275 16.83 10.91 29.23
C TYR B 275 16.67 10.65 30.72
N SER B 276 17.25 9.56 31.21
CA SER B 276 17.11 9.21 32.61
C SER B 276 17.88 10.19 33.49
N GLY B 277 18.67 11.07 32.86
CA GLY B 277 19.30 12.17 33.55
C GLY B 277 20.81 12.08 33.70
N VAL B 278 21.45 11.26 32.87
CA VAL B 278 22.90 11.16 32.91
C VAL B 278 23.54 12.26 32.09
N PHE B 279 24.42 13.01 32.72
CA PHE B 279 25.15 14.10 32.06
C PHE B 279 26.65 13.87 32.19
N VAL B 280 27.39 14.47 31.28
CA VAL B 280 28.79 14.78 31.51
C VAL B 280 28.79 16.22 32.00
N HIS B 281 29.33 16.48 33.19
CA HIS B 281 29.33 17.84 33.69
C HIS B 281 30.51 18.16 34.61
N SER B 282 30.71 19.45 34.88
CA SER B 282 31.79 19.91 35.74
C SER B 282 31.47 19.64 37.20
N ALA B 283 32.35 18.93 37.88
CA ALA B 283 32.19 18.68 39.31
C ALA B 283 33.45 19.11 40.06
N PRO B 284 33.56 20.40 40.38
CA PRO B 284 34.72 20.91 41.11
C PRO B 284 34.87 20.26 42.49
N TRP B 285 33.74 19.89 43.09
CA TRP B 285 33.73 19.31 44.43
C TRP B 285 34.31 17.91 44.50
N SER B 286 34.55 17.28 43.36
CA SER B 286 34.98 15.89 43.37
C SER B 286 36.17 15.63 42.47
N VAL B 287 36.98 16.65 42.22
CA VAL B 287 38.17 16.50 41.38
C VAL B 287 39.17 15.54 42.04
N GLY B 288 39.03 15.36 43.35
CA GLY B 288 39.89 14.47 44.09
C GLY B 288 39.59 13.00 43.85
N ALA B 289 38.32 12.68 43.61
CA ALA B 289 37.91 11.29 43.40
C ALA B 289 37.97 10.90 41.92
N GLN B 290 37.79 11.89 41.06
CA GLN B 290 37.80 11.66 39.63
C GLN B 290 39.10 11.00 39.19
N GLY B 291 38.98 9.86 38.51
CA GLY B 291 40.12 9.05 38.14
C GLY B 291 40.43 7.99 39.18
N HIS B 292 39.66 7.96 40.26
CA HIS B 292 39.93 7.04 41.36
C HIS B 292 38.69 6.32 41.89
N THR B 293 37.69 7.08 42.35
CA THR B 293 36.49 6.46 42.92
C THR B 293 35.20 7.12 42.44
N ASN B 294 34.14 6.31 42.32
CA ASN B 294 32.82 6.81 41.92
C ASN B 294 32.09 7.43 43.10
N THR B 295 31.45 8.58 42.88
CA THR B 295 30.72 9.24 43.96
C THR B 295 29.43 9.94 43.49
N SER B 296 29.05 9.75 42.23
CA SER B 296 27.93 10.50 41.67
C SER B 296 26.59 9.79 41.88
N HIS B 297 25.50 10.45 41.47
CA HIS B 297 24.18 9.82 41.44
C HIS B 297 24.04 9.04 40.13
N GLY B 298 24.93 9.34 39.19
CA GLY B 298 25.02 8.55 37.98
C GLY B 298 25.70 9.33 36.87
N CYS B 299 25.79 10.64 37.06
CA CYS B 299 26.43 11.47 36.05
C CYS B 299 27.91 11.15 35.95
N LEU B 300 28.50 11.55 34.84
CA LEU B 300 29.94 11.45 34.67
C LEU B 300 30.58 12.74 35.15
N ASN B 301 31.05 12.73 36.41
CA ASN B 301 31.78 13.86 36.95
C ASN B 301 33.15 14.01 36.30
N VAL B 302 33.40 15.17 35.71
CA VAL B 302 34.76 15.51 35.26
C VAL B 302 35.12 16.91 35.75
N SER B 303 36.39 17.27 35.60
CA SER B 303 36.83 18.61 36.03
C SER B 303 36.11 19.69 35.22
N PRO B 304 36.11 20.92 35.74
CA PRO B 304 35.50 22.05 35.03
C PRO B 304 36.06 22.22 33.62
N SER B 305 37.39 22.12 33.49
N SER B 305 37.38 22.12 33.48
CA SER B 305 38.05 22.31 32.20
CA SER B 305 38.02 22.32 32.19
C SER B 305 37.68 21.21 31.22
C SER B 305 37.68 21.19 31.20
N ASN B 306 37.65 19.97 31.70
CA ASN B 306 37.30 18.84 30.85
C ASN B 306 35.82 18.86 30.46
N ALA B 307 34.98 19.39 31.35
CA ALA B 307 33.55 19.52 31.08
C ALA B 307 33.30 20.55 29.99
N GLN B 308 33.99 21.69 30.07
CA GLN B 308 33.84 22.73 29.06
C GLN B 308 34.41 22.25 27.72
N TRP B 309 35.53 21.54 27.76
CA TRP B 309 36.10 20.98 26.53
C TRP B 309 35.07 20.07 25.88
N PHE B 310 34.48 19.21 26.69
CA PHE B 310 33.47 18.27 26.21
C PHE B 310 32.29 19.04 25.60
N TYR B 311 31.90 20.13 26.25
CA TYR B 311 30.85 21.01 25.75
C TYR B 311 31.23 21.63 24.40
N ASP B 312 32.50 22.00 24.25
CA ASP B 312 32.98 22.65 23.04
C ASP B 312 33.18 21.69 21.86
N HIS B 313 33.72 20.51 22.13
CA HIS B 313 34.20 19.64 21.05
C HIS B 313 33.29 18.45 20.76
N VAL B 314 32.38 18.13 21.66
CA VAL B 314 31.41 17.07 21.43
C VAL B 314 30.05 17.66 21.07
N LYS B 315 29.39 17.05 20.10
CA LYS B 315 28.14 17.59 19.56
C LYS B 315 27.02 16.55 19.61
N ARG B 316 25.80 17.01 19.40
CA ARG B 316 24.64 16.14 19.33
C ARG B 316 24.87 15.00 18.35
N GLY B 317 24.66 13.76 18.79
CA GLY B 317 24.79 12.61 17.92
C GLY B 317 26.11 11.89 18.10
N ASP B 318 27.09 12.53 18.73
CA ASP B 318 28.31 11.85 19.12
C ASP B 318 27.97 10.79 20.15
N ILE B 319 28.89 9.85 20.36
CA ILE B 319 28.60 8.70 21.19
C ILE B 319 29.43 8.66 22.47
N VAL B 320 28.77 8.40 23.59
CA VAL B 320 29.46 8.01 24.81
C VAL B 320 29.17 6.54 25.09
N GLU B 321 30.22 5.77 25.38
CA GLU B 321 30.05 4.37 25.72
C GLU B 321 30.62 4.08 27.09
N VAL B 322 29.79 3.50 27.95
CA VAL B 322 30.21 3.15 29.30
C VAL B 322 30.40 1.64 29.44
N VAL B 323 31.55 1.23 29.97
CA VAL B 323 31.83 -0.19 30.14
C VAL B 323 32.40 -0.52 31.51
N ASN B 324 32.14 -1.75 31.96
CA ASN B 324 32.72 -2.29 33.18
C ASN B 324 32.29 -1.62 34.49
N THR B 325 31.07 -1.07 34.52
CA THR B 325 30.51 -0.59 35.78
C THR B 325 29.74 -1.71 36.47
N VAL B 326 29.39 -1.48 37.73
CA VAL B 326 28.60 -2.46 38.45
C VAL B 326 27.13 -2.36 38.07
N GLY B 327 26.78 -1.32 37.34
CA GLY B 327 25.42 -1.15 36.87
C GLY B 327 25.07 -2.14 35.76
N GLY B 328 23.88 -2.02 35.21
CA GLY B 328 23.47 -2.86 34.11
C GLY B 328 23.72 -2.20 32.77
N THR B 329 22.69 -2.20 31.93
CA THR B 329 22.77 -1.60 30.60
C THR B 329 21.69 -0.54 30.45
N LEU B 330 22.03 0.57 29.80
CA LEU B 330 21.06 1.62 29.51
C LEU B 330 19.91 1.05 28.69
N PRO B 331 18.66 1.26 29.16
CA PRO B 331 17.50 0.78 28.42
C PRO B 331 17.47 1.28 26.98
N GLY B 332 17.12 0.40 26.05
CA GLY B 332 17.12 0.74 24.64
C GLY B 332 16.14 1.86 24.31
N ILE B 333 15.08 1.95 25.11
CA ILE B 333 14.04 2.95 24.87
C ILE B 333 14.16 4.16 25.81
N ASP B 334 15.37 4.41 26.32
CA ASP B 334 15.60 5.57 27.17
C ASP B 334 15.22 6.85 26.43
N GLY B 335 15.60 6.91 25.17
CA GLY B 335 15.44 8.11 24.38
C GLY B 335 16.77 8.47 23.76
N LEU B 336 17.86 8.03 24.43
CA LEU B 336 19.20 8.18 23.90
C LEU B 336 19.94 6.84 23.91
N GLY B 337 19.21 5.76 24.14
CA GLY B 337 19.80 4.43 24.21
C GLY B 337 19.46 3.55 23.02
N ASP B 338 19.08 4.17 21.91
CA ASP B 338 18.65 3.47 20.70
C ASP B 338 19.61 2.35 20.29
N TRP B 339 20.90 2.57 20.45
CA TRP B 339 21.92 1.66 19.93
C TRP B 339 22.13 0.41 20.78
N ASN B 340 21.51 0.35 21.95
CA ASN B 340 21.62 -0.84 22.80
C ASN B 340 20.63 -1.91 22.40
N ILE B 341 19.72 -1.58 21.49
CA ILE B 341 18.77 -2.56 20.97
C ILE B 341 19.43 -3.34 19.84
N PRO B 342 19.42 -4.68 19.94
CA PRO B 342 19.99 -5.54 18.91
C PRO B 342 19.37 -5.28 17.54
N TRP B 343 20.19 -5.27 16.50
CA TRP B 343 19.72 -4.90 15.16
C TRP B 343 18.55 -5.76 14.69
N ASP B 344 18.61 -7.06 14.97
CA ASP B 344 17.53 -7.95 14.55
C ASP B 344 16.21 -7.50 15.16
N GLN B 345 16.24 -7.10 16.42
CA GLN B 345 15.03 -6.62 17.07
C GLN B 345 14.59 -5.27 16.52
N TRP B 346 15.54 -4.35 16.38
CA TRP B 346 15.25 -3.02 15.86
C TRP B 346 14.66 -3.08 14.46
N ARG B 347 15.31 -3.84 13.58
CA ARG B 347 14.90 -3.97 12.19
C ARG B 347 13.50 -4.55 12.07
N ALA B 348 13.22 -5.61 12.83
CA ALA B 348 11.90 -6.23 12.81
C ALA B 348 10.84 -5.26 13.31
N GLY B 349 11.28 -4.25 14.05
CA GLY B 349 10.42 -3.16 14.47
C GLY B 349 9.33 -3.56 15.45
N ASN B 350 8.41 -2.63 15.69
CA ASN B 350 7.30 -2.86 16.59
C ASN B 350 6.08 -2.04 16.18
N ALA B 351 5.77 -2.08 14.88
CA ALA B 351 4.67 -1.29 14.33
C ALA B 351 3.30 -1.87 14.69
N LYS B 352 3.25 -3.18 14.91
CA LYS B 352 1.96 -3.83 15.18
C LYS B 352 1.69 -4.00 16.67
N ALA B 353 2.69 -3.71 17.50
CA ALA B 353 2.56 -3.86 18.95
C ALA B 353 1.70 -2.75 19.55
#